data_7OPZ
#
_entry.id   7OPZ
#
_cell.length_a   50.832
_cell.length_b   150.151
_cell.length_c   191.785
_cell.angle_alpha   90.000
_cell.angle_beta   90.000
_cell.angle_gamma   90.000
#
_symmetry.space_group_name_H-M   'P 21 21 21'
#
loop_
_entity.id
_entity.type
_entity.pdbx_description
1 polymer 'Glutathione transferase'
2 non-polymer GLUTATHIONE
3 non-polymer 'SODIUM ION'
4 water water
#
_entity_poly.entity_id   1
_entity_poly.type   'polypeptide(L)'
_entity_poly.pdbx_seq_one_letter_code
;MPMILGYWDIRGLAHAIRLLLEYTGSDYEEKIYSMGDAPDYDRSQWLSEKFKLGLDFPNLPYLIDGAHRLTQSNAILRYI
ARKHNL(CSO)GETEEEKIRVDVLENQAMDTRLDFARVCYNPDFEKLKPGFLKEIPEKMKLFSEFLGKRTWFAGDKLNYV
DFLAYDVLDVYRIFEPKCLDEFPNLKDFMSRFEGLKKISAYMKSSRFLRSPLFLKMAMWGNK
;
_entity_poly.pdbx_strand_id   C,A,B,D
#
loop_
_chem_comp.id
_chem_comp.type
_chem_comp.name
_chem_comp.formula
GSH non-polymer GLUTATHIONE 'C10 H17 N3 O6 S'
NA non-polymer 'SODIUM ION' 'Na 1'
#
# COMPACT_ATOMS: atom_id res chain seq x y z
N PRO A 2 18.69 -20.56 8.52
CA PRO A 2 18.34 -19.16 8.23
C PRO A 2 17.89 -18.39 9.45
N MET A 3 17.98 -17.06 9.37
CA MET A 3 17.44 -16.20 10.39
C MET A 3 15.92 -16.29 10.44
N ILE A 4 15.36 -15.91 11.59
CA ILE A 4 13.92 -15.86 11.77
C ILE A 4 13.59 -14.46 12.21
N LEU A 5 12.72 -13.78 11.47
CA LEU A 5 12.21 -12.48 11.84
C LEU A 5 10.78 -12.72 12.32
N GLY A 6 10.55 -12.53 13.61
CA GLY A 6 9.20 -12.63 14.15
C GLY A 6 8.58 -11.25 14.19
N TYR A 7 7.31 -11.18 13.80
CA TYR A 7 6.57 -9.92 13.80
C TYR A 7 5.12 -10.23 13.47
N TRP A 8 4.27 -9.20 13.53
CA TRP A 8 2.89 -9.30 13.13
C TRP A 8 2.79 -9.32 11.60
N ASP A 9 1.59 -9.59 11.10
CA ASP A 9 1.32 -9.58 9.66
C ASP A 9 0.88 -8.19 9.21
N ILE A 10 1.71 -7.22 9.56
CA ILE A 10 1.58 -5.83 9.17
C ILE A 10 2.96 -5.31 8.83
N ARG A 11 3.00 -4.05 8.40
CA ARG A 11 4.26 -3.42 8.01
C ARG A 11 5.03 -2.97 9.23
N GLY A 12 4.51 -1.96 9.94
CA GLY A 12 4.98 -1.62 11.28
C GLY A 12 6.48 -1.46 11.39
N LEU A 13 7.01 -1.78 12.58
CA LEU A 13 8.43 -1.65 12.85
C LEU A 13 9.29 -2.72 12.16
N ALA A 14 8.74 -3.63 11.36
CA ALA A 14 9.56 -4.62 10.71
C ALA A 14 9.93 -4.24 9.26
N HIS A 15 9.32 -3.18 8.73
CA HIS A 15 9.56 -2.78 7.34
C HIS A 15 11.04 -2.52 7.06
N ALA A 16 11.69 -1.70 7.90
CA ALA A 16 13.09 -1.40 7.65
C ALA A 16 14.00 -2.62 7.82
N ILE A 17 13.62 -3.54 8.72
CA ILE A 17 14.41 -4.75 8.94
C ILE A 17 14.29 -5.67 7.74
N ARG A 18 13.08 -5.81 7.19
CA ARG A 18 12.91 -6.58 5.97
C ARG A 18 13.75 -6.01 4.85
N LEU A 19 13.67 -4.67 4.65
CA LEU A 19 14.46 -4.02 3.61
C LEU A 19 15.95 -4.26 3.80
N LEU A 20 16.44 -4.13 5.03
CA LEU A 20 17.85 -4.37 5.27
C LEU A 20 18.21 -5.85 5.07
N LEU A 21 17.33 -6.76 5.50
CA LEU A 21 17.61 -8.18 5.28
C LEU A 21 17.66 -8.49 3.78
N GLU A 22 16.80 -7.86 2.99
CA GLU A 22 16.81 -8.08 1.56
C GLU A 22 17.98 -7.38 0.89
N TYR A 23 18.26 -6.11 1.27
CA TYR A 23 19.42 -5.40 0.71
C TYR A 23 20.71 -6.19 0.93
N THR A 24 20.88 -6.75 2.12
CA THR A 24 22.10 -7.47 2.51
C THR A 24 22.07 -8.92 2.04
N GLY A 25 21.01 -9.35 1.36
CA GLY A 25 20.90 -10.71 0.90
C GLY A 25 20.86 -11.75 1.99
N SER A 26 20.48 -11.38 3.21
CA SER A 26 20.49 -12.35 4.31
C SER A 26 19.54 -13.50 4.01
N ASP A 27 19.88 -14.68 4.51
CA ASP A 27 19.01 -15.85 4.40
C ASP A 27 18.10 -15.87 5.62
N TYR A 28 16.88 -15.42 5.44
CA TYR A 28 15.92 -15.33 6.53
C TYR A 28 14.56 -15.86 6.10
N GLU A 29 13.80 -16.30 7.09
CA GLU A 29 12.38 -16.56 6.94
C GLU A 29 11.66 -15.70 7.95
N GLU A 30 10.36 -15.50 7.74
CA GLU A 30 9.55 -14.68 8.62
C GLU A 30 8.60 -15.56 9.39
N LYS A 31 8.61 -15.42 10.72
CA LYS A 31 7.64 -16.09 11.58
C LYS A 31 6.49 -15.10 11.82
N ILE A 32 5.38 -15.30 11.11
CA ILE A 32 4.31 -14.32 11.08
C ILE A 32 3.29 -14.63 12.17
N TYR A 33 2.96 -13.61 12.96
CA TYR A 33 1.89 -13.66 13.95
C TYR A 33 0.70 -12.86 13.45
N SER A 34 -0.50 -13.43 13.59
CA SER A 34 -1.73 -12.80 13.15
C SER A 34 -2.55 -12.38 14.36
N MET A 35 -2.92 -11.11 14.40
CA MET A 35 -3.75 -10.55 15.46
C MET A 35 -5.21 -10.77 15.11
N GLY A 36 -5.99 -11.20 16.10
CA GLY A 36 -7.40 -11.41 15.88
C GLY A 36 -8.14 -10.16 15.52
N ASP A 37 -9.33 -10.35 14.95
CA ASP A 37 -10.14 -9.24 14.50
C ASP A 37 -10.81 -8.57 15.70
N ALA A 38 -11.70 -7.61 15.42
CA ALA A 38 -12.13 -6.58 16.36
C ALA A 38 -12.90 -7.14 17.56
N PRO A 39 -13.74 -6.35 18.23
CA PRO A 39 -13.70 -6.32 19.69
C PRO A 39 -12.34 -6.66 20.30
N ASP A 40 -11.94 -7.94 20.30
CA ASP A 40 -10.86 -8.38 21.18
C ASP A 40 -9.48 -7.97 20.67
N TYR A 41 -9.23 -8.12 19.37
CA TYR A 41 -7.87 -8.01 18.81
C TYR A 41 -6.94 -9.00 19.50
N ASP A 42 -7.27 -10.27 19.33
CA ASP A 42 -6.64 -11.34 20.10
C ASP A 42 -5.17 -11.47 19.72
N ARG A 43 -4.31 -11.55 20.75
CA ARG A 43 -2.86 -11.65 20.55
C ARG A 43 -2.32 -13.01 20.94
N SER A 44 -3.18 -14.00 21.16
CA SER A 44 -2.72 -15.26 21.72
C SER A 44 -1.83 -16.03 20.75
N GLN A 45 -1.86 -15.68 19.47
CA GLN A 45 -0.98 -16.36 18.53
C GLN A 45 0.47 -16.06 18.83
N TRP A 46 0.72 -14.86 19.38
CA TRP A 46 2.01 -14.44 19.91
C TRP A 46 2.12 -14.65 21.42
N LEU A 47 1.04 -14.39 22.17
CA LEU A 47 1.09 -14.48 23.62
C LEU A 47 1.43 -15.89 24.13
N SER A 48 1.13 -16.91 23.34
CA SER A 48 1.41 -18.29 23.70
C SER A 48 2.82 -18.74 23.36
N GLU A 49 3.54 -17.99 22.54
CA GLU A 49 4.92 -18.26 22.20
C GLU A 49 5.91 -17.32 22.86
N LYS A 50 5.43 -16.24 23.48
CA LYS A 50 6.26 -15.07 23.77
C LYS A 50 7.33 -15.37 24.80
N PHE A 51 7.02 -16.20 25.78
CA PHE A 51 7.97 -16.60 26.82
C PHE A 51 8.68 -17.93 26.53
N LYS A 52 8.52 -18.48 25.31
CA LYS A 52 9.13 -19.76 24.95
C LYS A 52 10.24 -19.61 23.92
N LEU A 53 10.75 -18.41 23.71
CA LEU A 53 11.66 -18.12 22.60
C LEU A 53 13.06 -17.74 23.06
N GLY A 54 13.35 -17.85 24.35
CA GLY A 54 14.67 -17.52 24.86
C GLY A 54 15.05 -16.08 24.73
N LEU A 55 14.07 -15.18 24.58
CA LEU A 55 14.32 -13.75 24.45
C LEU A 55 14.45 -13.11 25.84
N ASP A 56 15.34 -12.12 25.94
CA ASP A 56 15.61 -11.47 27.22
C ASP A 56 14.46 -10.55 27.64
N PHE A 57 13.97 -9.74 26.71
CA PHE A 57 12.80 -8.89 26.91
C PHE A 57 11.84 -9.22 25.78
N PRO A 58 11.01 -10.24 25.94
CA PRO A 58 10.17 -10.72 24.84
C PRO A 58 9.30 -9.62 24.22
N ASN A 59 9.31 -9.57 22.90
CA ASN A 59 8.74 -8.44 22.16
C ASN A 59 8.72 -8.76 20.67
N LEU A 60 7.97 -7.96 19.92
CA LEU A 60 7.91 -8.00 18.47
C LEU A 60 8.31 -6.64 17.91
N PRO A 61 9.22 -6.58 16.93
CA PRO A 61 9.81 -7.74 16.27
C PRO A 61 10.94 -8.38 17.05
N TYR A 62 11.32 -9.57 16.61
CA TYR A 62 12.50 -10.25 17.14
C TYR A 62 13.27 -10.87 15.99
N LEU A 63 14.51 -11.21 16.27
CA LEU A 63 15.38 -11.81 15.29
C LEU A 63 16.19 -12.90 15.95
N ILE A 64 16.05 -14.11 15.45
CA ILE A 64 16.87 -15.25 15.83
C ILE A 64 17.88 -15.51 14.73
N ASP A 65 19.15 -15.55 15.11
CA ASP A 65 20.24 -15.81 14.18
C ASP A 65 21.24 -16.68 14.94
N GLY A 66 21.10 -17.99 14.78
CA GLY A 66 22.03 -18.89 15.44
C GLY A 66 21.88 -18.82 16.94
N ALA A 67 22.94 -18.38 17.63
CA ALA A 67 22.96 -18.22 19.08
C ALA A 67 22.45 -16.85 19.53
N HIS A 68 22.28 -15.92 18.61
CA HIS A 68 21.86 -14.57 18.93
C HIS A 68 20.35 -14.47 18.78
N ARG A 69 19.68 -14.07 19.85
CA ARG A 69 18.26 -13.77 19.83
C ARG A 69 18.10 -12.34 20.33
N LEU A 70 17.47 -11.49 19.52
CA LEU A 70 17.35 -10.07 19.79
C LEU A 70 15.88 -9.64 19.82
N THR A 71 15.58 -8.65 20.64
CA THR A 71 14.39 -7.85 20.41
C THR A 71 14.85 -6.42 20.21
N GLN A 72 13.88 -5.52 20.04
CA GLN A 72 14.13 -4.09 19.79
C GLN A 72 14.64 -3.87 18.36
N SER A 73 13.79 -3.29 17.51
CA SER A 73 14.09 -3.15 16.08
C SER A 73 15.37 -2.37 15.84
N ASN A 74 15.66 -1.36 16.68
CA ASN A 74 16.93 -0.65 16.54
C ASN A 74 18.10 -1.58 16.80
N ALA A 75 18.00 -2.43 17.83
CA ALA A 75 19.07 -3.40 18.09
C ALA A 75 19.18 -4.41 16.96
N ILE A 76 18.06 -4.75 16.32
CA ILE A 76 18.07 -5.70 15.22
C ILE A 76 18.73 -5.09 13.99
N LEU A 77 18.42 -3.82 13.67
CA LEU A 77 19.05 -3.20 12.51
C LEU A 77 20.55 -3.05 12.74
N ARG A 78 20.94 -2.66 13.94
CA ARG A 78 22.36 -2.52 14.23
C ARG A 78 23.07 -3.86 14.18
N TYR A 79 22.37 -4.95 14.47
CA TYR A 79 22.99 -6.27 14.42
C TYR A 79 23.26 -6.72 12.99
N ILE A 80 22.27 -6.52 12.11
CA ILE A 80 22.46 -6.84 10.70
C ILE A 80 23.48 -5.89 10.07
N ALA A 81 23.45 -4.61 10.45
CA ALA A 81 24.36 -3.62 9.88
C ALA A 81 25.82 -3.96 10.19
N ARG A 82 26.11 -4.43 11.41
CA ARG A 82 27.48 -4.80 11.73
C ARG A 82 27.95 -5.99 10.90
N LYS A 83 27.05 -6.97 10.70
CA LYS A 83 27.35 -8.16 9.92
C LYS A 83 27.82 -7.81 8.52
N HIS A 84 27.32 -6.70 7.96
CA HIS A 84 27.50 -6.38 6.56
C HIS A 84 28.18 -5.03 6.37
N ASN A 85 28.83 -4.53 7.42
CA ASN A 85 29.55 -3.25 7.43
C ASN A 85 28.71 -2.12 6.84
N LEU A 86 27.52 -1.94 7.42
CA LEU A 86 26.65 -0.81 7.13
C LEU A 86 26.49 0.13 8.32
N CSO A 87 27.56 0.28 9.10
CA CSO A 87 27.59 1.32 10.13
CB CSO A 87 28.01 0.74 11.50
SG CSO A 87 26.92 -0.60 12.00
C CSO A 87 28.52 2.46 9.73
O CSO A 87 29.34 2.31 8.83
OD CSO A 87 26.55 -0.54 13.76
N GLY A 88 28.38 3.58 10.42
CA GLY A 88 29.26 4.71 10.19
C GLY A 88 30.72 4.40 10.31
N GLU A 89 31.54 5.12 9.55
CA GLU A 89 32.97 4.88 9.49
C GLU A 89 33.76 5.91 10.26
N THR A 90 33.41 7.18 10.14
CA THR A 90 34.05 8.25 10.86
C THR A 90 33.23 8.63 12.09
N GLU A 91 33.85 9.42 12.96
CA GLU A 91 33.12 10.01 14.08
C GLU A 91 31.90 10.78 13.60
N GLU A 92 32.08 11.64 12.61
CA GLU A 92 30.95 12.44 12.15
C GLU A 92 29.84 11.55 11.61
N GLU A 93 30.21 10.45 10.94
CA GLU A 93 29.18 9.54 10.44
C GLU A 93 28.44 8.90 11.60
N LYS A 94 29.16 8.39 12.60
CA LYS A 94 28.53 7.76 13.74
C LYS A 94 27.60 8.71 14.48
N ILE A 95 27.97 10.00 14.57
CA ILE A 95 27.08 10.96 15.24
C ILE A 95 25.82 11.16 14.44
N ARG A 96 25.95 11.29 13.10
CA ARG A 96 24.76 11.47 12.27
C ARG A 96 23.87 10.23 12.30
N VAL A 97 24.50 9.05 12.38
CA VAL A 97 23.75 7.80 12.41
C VAL A 97 23.02 7.67 13.75
N ASP A 98 23.69 8.01 14.85
CA ASP A 98 23.06 7.96 16.16
C ASP A 98 21.93 8.99 16.30
N VAL A 99 22.11 10.20 15.76
CA VAL A 99 21.10 11.22 15.93
C VAL A 99 19.88 10.91 15.10
N LEU A 100 20.10 10.45 13.86
CA LEU A 100 18.99 10.21 12.94
C LEU A 100 18.21 8.98 13.35
N GLU A 101 18.90 7.92 13.80
CA GLU A 101 18.19 6.73 14.28
C GLU A 101 17.22 7.10 15.40
N ASN A 102 17.66 7.93 16.34
CA ASN A 102 16.81 8.32 17.46
C ASN A 102 15.74 9.32 17.03
N GLN A 103 16.10 10.24 16.15
CA GLN A 103 15.15 11.21 15.65
C GLN A 103 14.08 10.53 14.81
N ALA A 104 14.45 9.45 14.12
CA ALA A 104 13.51 8.77 13.24
C ALA A 104 12.43 8.06 14.04
N MET A 105 12.78 7.51 15.21
CA MET A 105 11.78 6.88 16.06
C MET A 105 10.87 7.91 16.70
N ASP A 106 11.43 9.04 17.14
CA ASP A 106 10.60 10.15 17.60
C ASP A 106 9.60 10.58 16.52
N THR A 107 10.08 10.78 15.29
CA THR A 107 9.21 11.22 14.21
C THR A 107 8.14 10.18 13.91
N ARG A 108 8.52 8.89 13.94
CA ARG A 108 7.55 7.84 13.68
C ARG A 108 6.45 7.81 14.75
N LEU A 109 6.83 7.91 16.04
CA LEU A 109 5.86 7.81 17.13
C LEU A 109 4.97 9.05 17.20
N ASP A 110 5.50 10.21 16.80
CA ASP A 110 4.66 11.40 16.73
C ASP A 110 3.40 11.12 15.93
N PHE A 111 3.56 10.45 14.78
CA PHE A 111 2.45 10.12 13.91
C PHE A 111 1.67 8.91 14.42
N ALA A 112 2.36 7.95 15.04
CA ALA A 112 1.67 6.77 15.55
C ALA A 112 0.84 7.09 16.80
N ARG A 113 1.27 8.05 17.61
CA ARG A 113 0.44 8.50 18.72
C ARG A 113 -0.91 9.00 18.21
N VAL A 114 -0.91 9.68 17.05
CA VAL A 114 -2.14 10.27 16.52
C VAL A 114 -3.06 9.19 15.92
N CYS A 115 -2.48 8.24 15.17
CA CYS A 115 -3.33 7.22 14.55
C CYS A 115 -3.87 6.23 15.56
N TYR A 116 -3.12 5.94 16.63
CA TYR A 116 -3.58 5.03 17.67
C TYR A 116 -4.54 5.69 18.66
N ASN A 117 -4.88 6.95 18.42
CA ASN A 117 -5.69 7.77 19.32
C ASN A 117 -7.15 7.79 18.86
N PRO A 118 -8.10 7.47 19.74
CA PRO A 118 -9.52 7.58 19.35
C PRO A 118 -9.90 8.94 18.80
N ASP A 119 -9.22 10.01 19.23
CA ASP A 119 -9.46 11.36 18.74
C ASP A 119 -8.71 11.65 17.45
N PHE A 120 -8.44 10.63 16.65
CA PHE A 120 -7.67 10.81 15.42
C PHE A 120 -8.26 11.90 14.54
N GLU A 121 -9.59 11.91 14.37
CA GLU A 121 -10.19 12.87 13.44
C GLU A 121 -10.04 14.32 13.89
N LYS A 122 -10.01 14.56 15.20
CA LYS A 122 -9.89 15.92 15.70
C LYS A 122 -8.45 16.38 15.82
N LEU A 123 -7.51 15.45 15.96
CA LEU A 123 -6.10 15.80 15.96
C LEU A 123 -5.50 15.88 14.56
N LYS A 124 -6.14 15.28 13.56
CA LYS A 124 -5.53 15.22 12.22
C LYS A 124 -5.31 16.58 11.58
N PRO A 125 -6.22 17.57 11.68
CA PRO A 125 -5.90 18.88 11.10
C PRO A 125 -4.69 19.52 11.75
N GLY A 126 -4.58 19.44 13.07
CA GLY A 126 -3.39 19.93 13.74
C GLY A 126 -2.15 19.19 13.29
N PHE A 127 -2.21 17.86 13.26
CA PHE A 127 -1.04 17.09 12.87
C PHE A 127 -0.61 17.39 11.45
N LEU A 128 -1.58 17.53 10.54
CA LEU A 128 -1.24 17.82 9.15
C LEU A 128 -0.40 19.09 9.05
N LYS A 129 -0.71 20.09 9.88
CA LYS A 129 0.03 21.35 9.82
C LYS A 129 1.41 21.25 10.47
N GLU A 130 1.67 20.22 11.25
CA GLU A 130 3.03 20.04 11.75
C GLU A 130 3.96 19.37 10.76
N ILE A 131 3.43 18.80 9.67
CA ILE A 131 4.22 17.90 8.83
C ILE A 131 5.30 18.64 8.05
N PRO A 132 5.03 19.80 7.41
CA PRO A 132 6.09 20.47 6.64
C PRO A 132 7.34 20.77 7.43
N GLU A 133 7.22 21.21 8.69
CA GLU A 133 8.41 21.48 9.49
C GLU A 133 9.15 20.20 9.85
N LYS A 134 8.42 19.13 10.13
CA LYS A 134 9.06 17.82 10.28
C LYS A 134 9.86 17.44 9.04
N MET A 135 9.28 17.64 7.86
CA MET A 135 9.96 17.23 6.63
C MET A 135 11.14 18.16 6.32
N LYS A 136 11.00 19.47 6.55
CA LYS A 136 12.12 20.40 6.33
C LYS A 136 13.34 20.03 7.18
N LEU A 137 13.13 19.50 8.38
CA LEU A 137 14.27 19.13 9.21
C LEU A 137 15.06 18.00 8.55
N PHE A 138 14.38 16.97 8.07
CA PHE A 138 15.04 15.87 7.36
C PHE A 138 15.70 16.36 6.08
N SER A 139 15.01 17.26 5.37
CA SER A 139 15.55 17.81 4.13
C SER A 139 16.87 18.54 4.38
N GLU A 140 16.89 19.44 5.37
CA GLU A 140 18.12 20.18 5.64
C GLU A 140 19.21 19.27 6.19
N PHE A 141 18.82 18.20 6.88
CA PHE A 141 19.84 17.33 7.48
C PHE A 141 20.57 16.57 6.41
N LEU A 142 19.85 16.12 5.40
CA LEU A 142 20.46 15.37 4.30
C LEU A 142 21.24 16.31 3.39
N GLY A 143 20.72 17.51 3.15
CA GLY A 143 21.42 18.46 2.31
C GLY A 143 21.69 17.90 0.92
N LYS A 144 22.91 18.11 0.44
CA LYS A 144 23.34 17.59 -0.85
C LYS A 144 24.02 16.24 -0.73
N ARG A 145 23.86 15.55 0.39
CA ARG A 145 24.50 14.26 0.57
C ARG A 145 23.83 13.17 -0.24
N THR A 146 24.60 12.14 -0.61
CA THR A 146 24.02 11.01 -1.31
C THR A 146 23.11 10.20 -0.38
N TRP A 147 23.61 9.93 0.83
CA TRP A 147 22.85 9.24 1.86
C TRP A 147 22.92 10.06 3.14
N PHE A 148 22.13 9.67 4.14
CA PHE A 148 21.99 10.54 5.31
C PHE A 148 23.28 10.64 6.12
N ALA A 149 24.08 9.57 6.17
CA ALA A 149 25.34 9.63 6.87
C ALA A 149 26.48 10.10 5.99
N GLY A 150 26.23 10.32 4.70
CA GLY A 150 27.27 10.71 3.76
C GLY A 150 27.22 10.01 2.41
N ASP A 151 28.39 9.69 1.85
CA ASP A 151 28.47 9.02 0.56
C ASP A 151 28.00 7.57 0.65
N LYS A 152 28.37 6.86 1.72
CA LYS A 152 28.10 5.44 1.85
C LYS A 152 26.71 5.21 2.42
N LEU A 153 25.99 4.25 1.84
CA LEU A 153 24.68 3.88 2.36
C LEU A 153 24.83 3.20 3.72
N ASN A 154 23.78 3.32 4.52
CA ASN A 154 23.81 3.01 5.94
C ASN A 154 22.43 2.51 6.37
N TYR A 155 22.38 1.79 7.50
CA TYR A 155 21.09 1.29 7.98
C TYR A 155 20.12 2.42 8.33
N VAL A 156 20.62 3.60 8.73
CA VAL A 156 19.68 4.69 9.06
C VAL A 156 18.93 5.14 7.82
N ASP A 157 19.52 4.97 6.63
CA ASP A 157 18.80 5.26 5.39
C ASP A 157 17.60 4.36 5.24
N PHE A 158 17.67 3.15 5.78
CA PHE A 158 16.50 2.28 5.77
C PHE A 158 15.43 2.83 6.72
N LEU A 159 15.85 3.28 7.91
CA LEU A 159 14.93 3.96 8.83
C LEU A 159 14.36 5.26 8.23
N ALA A 160 15.24 6.13 7.73
CA ALA A 160 14.71 7.36 7.11
C ALA A 160 13.78 7.03 5.94
N TYR A 161 14.15 6.06 5.09
CA TYR A 161 13.24 5.71 4.01
C TYR A 161 11.88 5.29 4.55
N ASP A 162 11.85 4.40 5.54
CA ASP A 162 10.58 3.88 6.04
C ASP A 162 9.74 4.96 6.74
N VAL A 163 10.38 5.86 7.49
CA VAL A 163 9.61 6.90 8.15
C VAL A 163 9.11 7.94 7.14
N LEU A 164 10.00 8.40 6.24
CA LEU A 164 9.56 9.31 5.19
C LEU A 164 8.50 8.67 4.30
N ASP A 165 8.56 7.34 4.11
CA ASP A 165 7.54 6.71 3.27
C ASP A 165 6.19 6.70 3.97
N VAL A 166 6.18 6.56 5.29
CA VAL A 166 4.90 6.53 6.00
C VAL A 166 4.22 7.88 5.91
N TYR A 167 5.00 8.95 5.92
CA TYR A 167 4.42 10.28 5.92
C TYR A 167 3.78 10.61 4.59
N ARG A 168 4.41 10.18 3.47
CA ARG A 168 3.82 10.53 2.17
C ARG A 168 2.64 9.65 1.82
N ILE A 169 2.55 8.45 2.39
CA ILE A 169 1.31 7.67 2.28
C ILE A 169 0.17 8.41 2.98
N PHE A 170 0.45 9.03 4.12
CA PHE A 170 -0.56 9.82 4.78
C PHE A 170 -0.81 11.13 4.04
N GLU A 171 0.25 11.90 3.80
CA GLU A 171 0.14 13.16 3.06
C GLU A 171 0.96 13.06 1.78
N PRO A 172 0.34 12.71 0.65
CA PRO A 172 1.12 12.38 -0.56
C PRO A 172 1.93 13.52 -1.11
N LYS A 173 1.52 14.75 -0.87
CA LYS A 173 2.28 15.92 -1.30
C LYS A 173 3.36 16.35 -0.32
N CYS A 174 3.59 15.62 0.77
CA CYS A 174 4.42 16.23 1.80
C CYS A 174 5.90 16.31 1.43
N LEU A 175 6.37 15.63 0.37
CA LEU A 175 7.77 15.77 -0.06
C LEU A 175 7.94 16.69 -1.27
N ASP A 176 6.84 17.24 -1.80
CA ASP A 176 6.90 17.96 -3.08
C ASP A 176 7.84 19.16 -3.01
N GLU A 177 7.93 19.79 -1.86
CA GLU A 177 8.70 21.01 -1.74
C GLU A 177 10.15 20.75 -1.32
N PHE A 178 10.55 19.48 -1.22
CA PHE A 178 11.91 19.08 -0.85
C PHE A 178 12.40 18.08 -1.88
N PRO A 179 12.98 18.56 -2.99
CA PRO A 179 13.36 17.63 -4.07
C PRO A 179 14.45 16.65 -3.67
N ASN A 180 15.39 17.04 -2.81
CA ASN A 180 16.43 16.11 -2.36
C ASN A 180 15.87 14.95 -1.53
N LEU A 181 14.70 15.11 -0.90
CA LEU A 181 14.08 13.96 -0.24
C LEU A 181 13.36 13.10 -1.26
N LYS A 182 12.59 13.73 -2.15
CA LYS A 182 11.97 13.02 -3.26
C LYS A 182 13.00 12.18 -4.01
N ASP A 183 14.20 12.74 -4.18
CA ASP A 183 15.25 12.07 -4.93
C ASP A 183 15.87 10.95 -4.09
N PHE A 184 16.07 11.18 -2.79
CA PHE A 184 16.56 10.13 -1.90
C PHE A 184 15.64 8.91 -1.89
N MET A 185 14.31 9.13 -1.91
CA MET A 185 13.39 7.99 -1.99
C MET A 185 13.56 7.22 -3.30
N SER A 186 13.64 7.93 -4.41
CA SER A 186 13.78 7.27 -5.71
C SER A 186 15.08 6.48 -5.77
N ARG A 187 16.19 7.07 -5.30
CA ARG A 187 17.46 6.37 -5.32
C ARG A 187 17.44 5.17 -4.38
N PHE A 188 16.69 5.25 -3.29
CA PHE A 188 16.58 4.09 -2.42
C PHE A 188 15.77 2.99 -3.07
N GLU A 189 14.68 3.34 -3.74
CA GLU A 189 13.89 2.34 -4.47
C GLU A 189 14.57 1.83 -5.73
N GLY A 190 15.55 2.56 -6.24
CA GLY A 190 16.29 2.08 -7.38
C GLY A 190 17.44 1.15 -7.08
N LEU A 191 17.85 1.01 -5.82
CA LEU A 191 18.88 0.02 -5.51
C LEU A 191 18.43 -1.36 -5.99
N LYS A 192 19.37 -2.11 -6.58
CA LYS A 192 19.01 -3.32 -7.32
C LYS A 192 18.22 -4.29 -6.47
N LYS A 193 18.75 -4.64 -5.30
CA LYS A 193 18.10 -5.67 -4.50
C LYS A 193 16.85 -5.16 -3.80
N ILE A 194 16.71 -3.84 -3.60
CA ILE A 194 15.47 -3.30 -3.04
C ILE A 194 14.38 -3.31 -4.11
N SER A 195 14.74 -2.90 -5.33
CA SER A 195 13.75 -2.86 -6.42
C SER A 195 13.27 -4.26 -6.78
N ALA A 196 14.17 -5.24 -6.81
CA ALA A 196 13.76 -6.63 -6.98
C ALA A 196 12.82 -7.08 -5.87
N TYR A 197 13.14 -6.73 -4.62
CA TYR A 197 12.27 -7.11 -3.50
C TYR A 197 10.88 -6.54 -3.68
N MET A 198 10.80 -5.28 -4.11
CA MET A 198 9.48 -4.66 -4.21
C MET A 198 8.65 -5.30 -5.32
N LYS A 199 9.29 -5.84 -6.35
CA LYS A 199 8.59 -6.57 -7.42
C LYS A 199 8.48 -8.06 -7.14
N SER A 200 8.45 -8.46 -5.87
CA SER A 200 8.34 -9.85 -5.48
C SER A 200 7.11 -10.03 -4.60
N SER A 201 6.66 -11.29 -4.51
CA SER A 201 5.54 -11.63 -3.64
C SER A 201 5.84 -11.44 -2.16
N ARG A 202 7.12 -11.41 -1.77
CA ARG A 202 7.47 -11.30 -0.36
C ARG A 202 7.18 -9.93 0.20
N PHE A 203 6.97 -8.92 -0.66
CA PHE A 203 6.85 -7.54 -0.21
C PHE A 203 5.49 -7.27 0.44
N LEU A 204 5.50 -6.66 1.62
CA LEU A 204 4.29 -6.36 2.39
C LEU A 204 4.15 -4.83 2.52
N ARG A 205 3.29 -4.24 1.67
CA ARG A 205 3.14 -2.79 1.59
C ARG A 205 2.32 -2.25 2.76
N SER A 206 1.27 -2.96 3.14
CA SER A 206 0.33 -2.50 4.16
C SER A 206 -0.32 -3.74 4.78
N PRO A 207 -1.02 -3.58 5.93
CA PRO A 207 -1.32 -2.38 6.73
C PRO A 207 -0.08 -1.82 7.40
N LEU A 208 -0.09 -0.50 7.56
CA LEU A 208 1.01 0.18 8.24
C LEU A 208 0.97 -0.06 9.75
N PHE A 209 -0.22 -0.14 10.31
CA PHE A 209 -0.42 -0.20 11.74
C PHE A 209 -1.28 -1.40 12.09
N LEU A 210 -1.46 -1.64 13.40
CA LEU A 210 -2.26 -2.78 13.84
C LEU A 210 -3.74 -2.48 13.65
N LYS A 211 -4.58 -3.52 13.80
CA LYS A 211 -5.97 -3.47 13.35
C LYS A 211 -6.78 -2.38 14.03
N MET A 212 -6.41 -2.00 15.25
CA MET A 212 -7.19 -1.05 16.05
C MET A 212 -6.78 0.41 15.83
N ALA A 213 -5.83 0.69 14.96
CA ALA A 213 -5.48 2.08 14.67
C ALA A 213 -6.60 2.76 13.88
N MET A 214 -6.68 4.08 14.01
CA MET A 214 -7.70 4.85 13.29
C MET A 214 -7.28 5.22 11.87
N TRP A 215 -6.10 4.78 11.44
CA TRP A 215 -5.64 5.00 10.08
C TRP A 215 -4.61 3.92 9.80
N GLY A 216 -4.53 3.49 8.53
CA GLY A 216 -3.54 2.52 8.15
C GLY A 216 -3.74 1.15 8.77
N ASN A 217 -4.94 0.86 9.28
CA ASN A 217 -5.27 -0.44 9.83
C ASN A 217 -5.64 -1.47 8.77
N LYS A 218 -5.88 -1.05 7.53
CA LYS A 218 -6.18 -1.97 6.42
C LYS A 218 -5.08 -1.93 5.35
N PRO B 2 35.36 23.71 27.36
CA PRO B 2 34.35 22.93 28.06
C PRO B 2 33.15 22.54 27.21
N MET B 3 32.80 21.25 27.20
CA MET B 3 31.53 20.85 26.63
C MET B 3 30.39 21.54 27.37
N ILE B 4 29.28 21.68 26.69
CA ILE B 4 28.06 22.29 27.22
C ILE B 4 26.97 21.24 27.17
N LEU B 5 26.32 20.99 28.29
CA LEU B 5 25.12 20.17 28.31
C LEU B 5 23.94 21.09 28.61
N GLY B 6 23.03 21.22 27.64
CA GLY B 6 21.85 22.06 27.81
C GLY B 6 20.61 21.23 28.08
N TYR B 7 19.88 21.59 29.12
CA TYR B 7 18.67 20.86 29.46
C TYR B 7 17.83 21.73 30.40
N TRP B 8 16.60 21.28 30.65
CA TRP B 8 15.76 21.93 31.65
C TRP B 8 16.38 21.78 33.05
N ASP B 9 15.86 22.57 33.98
CA ASP B 9 16.30 22.47 35.38
C ASP B 9 15.59 21.34 36.11
N ILE B 10 15.51 20.15 35.52
CA ILE B 10 14.98 18.97 36.17
C ILE B 10 15.98 17.83 35.99
N ARG B 11 15.64 16.67 36.55
CA ARG B 11 16.41 15.45 36.32
C ARG B 11 16.23 14.95 34.90
N GLY B 12 15.06 14.38 34.60
CA GLY B 12 14.68 14.05 33.22
C GLY B 12 15.68 13.18 32.49
N LEU B 13 15.88 13.48 31.20
CA LEU B 13 16.72 12.71 30.29
C LEU B 13 18.19 13.07 30.38
N ALA B 14 18.55 14.04 31.22
CA ALA B 14 19.94 14.42 31.37
C ALA B 14 20.61 13.69 32.52
N HIS B 15 19.84 12.90 33.28
CA HIS B 15 20.39 12.29 34.48
C HIS B 15 21.51 11.32 34.15
N ALA B 16 21.30 10.43 33.20
CA ALA B 16 22.35 9.49 32.84
C ALA B 16 23.52 10.19 32.16
N ILE B 17 23.24 11.26 31.40
CA ILE B 17 24.31 12.01 30.76
C ILE B 17 25.18 12.73 31.79
N ARG B 18 24.55 13.39 32.78
CA ARG B 18 25.35 14.04 33.83
C ARG B 18 26.24 13.02 34.52
N LEU B 19 25.64 11.92 34.95
CA LEU B 19 26.38 10.83 35.58
C LEU B 19 27.58 10.41 34.75
N LEU B 20 27.40 10.24 33.44
CA LEU B 20 28.47 9.75 32.60
C LEU B 20 29.51 10.83 32.32
N LEU B 21 29.10 12.10 32.27
CA LEU B 21 30.09 13.17 32.22
C LEU B 21 30.94 13.18 33.48
N GLU B 22 30.32 12.90 34.64
CA GLU B 22 31.05 12.87 35.90
C GLU B 22 32.01 11.69 35.96
N TYR B 23 31.51 10.49 35.69
CA TYR B 23 32.36 9.29 35.74
C TYR B 23 33.54 9.40 34.79
N THR B 24 33.35 9.98 33.60
CA THR B 24 34.45 10.09 32.67
C THR B 24 35.32 11.30 32.96
N GLY B 25 34.96 12.07 33.97
CA GLY B 25 35.77 13.22 34.33
C GLY B 25 35.90 14.25 33.24
N SER B 26 34.79 14.57 32.59
CA SER B 26 34.74 15.46 31.45
C SER B 26 34.63 16.93 31.91
N ASP B 27 35.13 17.85 31.10
CA ASP B 27 34.95 19.27 31.34
C ASP B 27 33.66 19.74 30.72
N TYR B 28 32.60 19.83 31.51
CA TYR B 28 31.35 20.33 30.99
C TYR B 28 30.79 21.41 31.90
N GLU B 29 30.07 22.32 31.29
CA GLU B 29 29.20 23.25 31.99
C GLU B 29 27.78 23.00 31.52
N GLU B 30 26.82 23.43 32.33
CA GLU B 30 25.41 23.23 32.00
C GLU B 30 24.77 24.55 31.61
N LYS B 31 24.07 24.53 30.48
CA LYS B 31 23.18 25.62 30.10
C LYS B 31 21.79 25.20 30.54
N ILE B 32 21.26 25.89 31.54
CA ILE B 32 20.03 25.49 32.23
C ILE B 32 18.90 26.38 31.75
N TYR B 33 17.88 25.75 31.17
CA TYR B 33 16.65 26.44 30.81
C TYR B 33 15.59 26.17 31.87
N SER B 34 14.91 27.23 32.29
CA SER B 34 13.89 27.13 33.32
C SER B 34 12.53 27.37 32.70
N MET B 35 11.54 26.61 33.16
CA MET B 35 10.17 26.68 32.66
C MET B 35 9.29 27.43 33.63
N GLY B 36 8.32 28.15 33.08
CA GLY B 36 7.36 28.85 33.93
C GLY B 36 6.42 27.89 34.64
N ASP B 37 5.85 28.39 35.75
CA ASP B 37 4.90 27.63 36.55
C ASP B 37 3.51 27.73 35.96
N ALA B 38 2.48 27.58 36.81
CA ALA B 38 1.12 28.10 36.62
C ALA B 38 0.45 27.38 35.46
N PRO B 39 -0.64 27.89 34.88
CA PRO B 39 -0.91 27.58 33.48
C PRO B 39 0.25 28.05 32.62
N ASP B 40 0.10 27.87 31.30
CA ASP B 40 1.13 28.30 30.35
C ASP B 40 2.54 28.03 30.87
N TYR B 41 2.92 26.77 31.01
CA TYR B 41 4.26 26.47 31.52
C TYR B 41 5.25 27.05 30.53
N ASP B 42 5.76 28.23 30.83
CA ASP B 42 6.41 29.05 29.83
C ASP B 42 7.76 28.47 29.43
N ARG B 43 8.02 28.48 28.12
CA ARG B 43 9.20 27.87 27.54
C ARG B 43 10.09 28.87 26.80
N SER B 44 9.85 30.18 26.96
CA SER B 44 10.57 31.16 26.16
C SER B 44 12.08 31.11 26.39
N GLN B 45 12.50 30.85 27.62
CA GLN B 45 13.93 30.78 27.90
C GLN B 45 14.63 29.90 26.88
N TRP B 46 13.97 28.81 26.49
CA TRP B 46 14.49 27.85 25.53
C TRP B 46 14.08 28.19 24.11
N LEU B 47 12.78 28.42 23.87
CA LEU B 47 12.29 28.67 22.51
C LEU B 47 12.88 29.92 21.88
N SER B 48 13.44 30.83 22.66
CA SER B 48 14.10 31.97 22.05
C SER B 48 15.47 31.60 21.48
N GLU B 49 16.09 30.51 21.97
CA GLU B 49 17.37 30.06 21.46
C GLU B 49 17.27 28.82 20.56
N LYS B 50 16.09 28.19 20.51
CA LYS B 50 15.98 26.81 20.01
C LYS B 50 16.57 26.66 18.61
N PHE B 51 16.34 27.64 17.74
CA PHE B 51 16.83 27.55 16.38
C PHE B 51 18.07 28.42 16.13
N LYS B 52 18.72 28.91 17.18
CA LYS B 52 19.93 29.71 17.05
C LYS B 52 21.18 29.01 17.56
N LEU B 53 21.15 27.68 17.69
CA LEU B 53 22.29 26.95 18.21
C LEU B 53 22.96 26.05 17.18
N GLY B 54 22.48 26.03 15.94
CA GLY B 54 23.08 25.17 14.95
C GLY B 54 22.81 23.69 15.13
N LEU B 55 21.79 23.33 15.91
CA LEU B 55 21.41 21.94 16.07
C LEU B 55 20.59 21.51 14.87
N ASP B 56 20.95 20.36 14.28
CA ASP B 56 20.18 19.86 13.14
C ASP B 56 18.72 19.61 13.52
N PHE B 57 18.50 18.96 14.67
CA PHE B 57 17.15 18.68 15.17
C PHE B 57 17.03 19.27 16.57
N PRO B 58 16.75 20.56 16.69
CA PRO B 58 16.80 21.22 18.01
C PRO B 58 15.96 20.51 19.04
N ASN B 59 16.54 20.31 20.21
CA ASN B 59 15.91 19.47 21.22
C ASN B 59 16.65 19.67 22.54
N LEU B 60 16.02 19.23 23.61
CA LEU B 60 16.68 19.13 24.89
C LEU B 60 16.62 17.69 25.37
N PRO B 61 17.74 17.10 25.83
CA PRO B 61 19.03 17.78 26.01
C PRO B 61 19.83 17.94 24.73
N TYR B 62 20.85 18.77 24.77
CA TYR B 62 21.81 18.85 23.69
C TYR B 62 23.22 18.92 24.25
N LEU B 63 24.18 18.57 23.41
CA LEU B 63 25.59 18.54 23.79
C LEU B 63 26.40 19.30 22.75
N ILE B 64 27.23 20.21 23.23
CA ILE B 64 28.17 20.93 22.38
C ILE B 64 29.57 20.53 22.82
N ASP B 65 30.44 20.22 21.85
CA ASP B 65 31.78 19.74 22.15
C ASP B 65 32.63 19.94 20.89
N GLY B 66 33.44 20.98 20.89
CA GLY B 66 34.19 21.28 19.68
C GLY B 66 33.24 21.61 18.54
N ALA B 67 33.40 20.90 17.43
CA ALA B 67 32.53 21.06 16.27
C ALA B 67 31.25 20.26 16.36
N HIS B 68 31.21 19.27 17.24
CA HIS B 68 30.08 18.34 17.35
C HIS B 68 28.95 18.96 18.17
N ARG B 69 27.76 19.04 17.57
CA ARG B 69 26.57 19.55 18.23
C ARG B 69 25.47 18.50 18.09
N LEU B 70 25.18 17.78 19.18
CA LEU B 70 24.27 16.65 19.21
C LEU B 70 23.02 16.96 20.03
N THR B 71 21.86 16.46 19.57
CA THR B 71 20.65 16.26 20.36
C THR B 71 20.36 14.77 20.44
N GLN B 72 19.28 14.43 21.15
CA GLN B 72 18.93 13.03 21.42
C GLN B 72 19.80 12.42 22.53
N SER B 73 19.20 12.13 23.68
CA SER B 73 19.98 11.70 24.83
C SER B 73 20.81 10.45 24.53
N ASN B 74 20.21 9.45 23.88
CA ASN B 74 20.95 8.23 23.59
C ASN B 74 22.18 8.52 22.73
N ALA B 75 22.01 9.36 21.71
CA ALA B 75 23.15 9.70 20.84
C ALA B 75 24.19 10.52 21.59
N ILE B 76 23.78 11.34 22.55
CA ILE B 76 24.74 12.04 23.42
C ILE B 76 25.54 11.04 24.24
N LEU B 77 24.85 10.08 24.88
CA LEU B 77 25.55 9.07 25.66
C LEU B 77 26.45 8.20 24.80
N ARG B 78 25.97 7.81 23.61
CA ARG B 78 26.84 7.02 22.75
C ARG B 78 28.10 7.82 22.38
N TYR B 79 27.95 9.14 22.21
CA TYR B 79 29.07 9.99 21.86
C TYR B 79 30.11 10.03 22.98
N ILE B 80 29.67 10.39 24.19
CA ILE B 80 30.57 10.41 25.35
C ILE B 80 31.20 9.04 25.55
N ALA B 81 30.42 7.98 25.37
CA ALA B 81 30.96 6.63 25.57
C ALA B 81 32.00 6.30 24.52
N ARG B 82 31.71 6.58 23.25
CA ARG B 82 32.70 6.34 22.21
C ARG B 82 34.01 7.06 22.52
N LYS B 83 33.92 8.24 23.14
CA LYS B 83 35.10 9.06 23.35
C LYS B 83 36.00 8.45 24.41
N HIS B 84 35.42 7.84 25.43
CA HIS B 84 36.16 7.29 26.55
C HIS B 84 36.18 5.77 26.53
N ASN B 85 35.79 5.18 25.41
CA ASN B 85 35.93 3.75 25.19
C ASN B 85 35.03 2.97 26.16
N LEU B 86 33.75 3.31 26.16
CA LEU B 86 32.79 2.77 27.11
C LEU B 86 31.60 2.11 26.45
N CSO B 87 31.80 1.49 25.29
CA CSO B 87 30.75 0.62 24.77
CB CSO B 87 30.15 1.12 23.43
SG CSO B 87 30.80 2.73 22.87
C CSO B 87 31.24 -0.80 24.64
O CSO B 87 32.35 -1.14 25.05
OD CSO B 87 30.11 3.13 21.27
N GLY B 88 30.39 -1.65 24.09
CA GLY B 88 30.72 -3.05 23.99
C GLY B 88 31.91 -3.30 23.07
N GLU B 89 32.61 -4.42 23.28
CA GLU B 89 33.71 -4.80 22.43
C GLU B 89 33.43 -6.11 21.70
N THR B 90 33.11 -7.19 22.41
CA THR B 90 32.59 -8.37 21.72
C THR B 90 31.25 -8.06 21.05
N GLU B 91 30.86 -8.95 20.13
CA GLU B 91 29.54 -8.88 19.52
C GLU B 91 28.44 -9.10 20.56
N GLU B 92 28.69 -9.94 21.57
CA GLU B 92 27.69 -10.24 22.59
C GLU B 92 27.40 -9.01 23.43
N GLU B 93 28.44 -8.29 23.85
CA GLU B 93 28.21 -7.06 24.61
C GLU B 93 27.48 -6.04 23.77
N LYS B 94 27.80 -5.99 22.47
CA LYS B 94 27.19 -4.97 21.61
C LYS B 94 25.70 -5.22 21.47
N ILE B 95 25.29 -6.48 21.44
CA ILE B 95 23.87 -6.80 21.36
C ILE B 95 23.18 -6.43 22.66
N ARG B 96 23.80 -6.79 23.80
CA ARG B 96 23.24 -6.48 25.10
C ARG B 96 23.11 -4.97 25.31
N VAL B 97 24.14 -4.21 24.93
CA VAL B 97 24.03 -2.75 24.97
C VAL B 97 22.88 -2.27 24.08
N ASP B 98 22.79 -2.80 22.86
CA ASP B 98 21.75 -2.32 21.94
C ASP B 98 20.37 -2.67 22.47
N VAL B 99 20.20 -3.89 22.97
CA VAL B 99 18.89 -4.32 23.43
C VAL B 99 18.47 -3.52 24.66
N LEU B 100 19.39 -3.37 25.62
CA LEU B 100 19.05 -2.69 26.86
C LEU B 100 18.81 -1.20 26.64
N GLU B 101 19.58 -0.55 25.76
CA GLU B 101 19.40 0.88 25.53
C GLU B 101 17.99 1.17 25.06
N ASN B 102 17.53 0.47 24.03
CA ASN B 102 16.17 0.68 23.56
C ASN B 102 15.16 0.21 24.59
N GLN B 103 15.47 -0.88 25.30
CA GLN B 103 14.57 -1.36 26.35
C GLN B 103 14.43 -0.33 27.45
N ALA B 104 15.55 0.27 27.88
CA ALA B 104 15.52 1.27 28.95
C ALA B 104 14.66 2.47 28.57
N MET B 105 14.61 2.83 27.29
CA MET B 105 13.82 3.99 26.91
C MET B 105 12.34 3.63 26.90
N ASP B 106 11.98 2.44 26.43
CA ASP B 106 10.60 2.00 26.53
C ASP B 106 10.14 1.94 27.99
N THR B 107 10.97 1.39 28.88
CA THR B 107 10.56 1.31 30.28
C THR B 107 10.38 2.70 30.88
N ARG B 108 11.29 3.62 30.57
CA ARG B 108 11.10 5.00 30.97
C ARG B 108 9.78 5.57 30.45
N LEU B 109 9.49 5.38 29.15
CA LEU B 109 8.32 5.99 28.56
C LEU B 109 7.03 5.32 29.02
N ASP B 110 7.09 4.04 29.35
CA ASP B 110 5.97 3.41 30.04
C ASP B 110 5.64 4.14 31.34
N PHE B 111 6.66 4.51 32.11
CA PHE B 111 6.44 5.26 33.34
C PHE B 111 6.10 6.71 33.07
N ALA B 112 6.75 7.32 32.07
CA ALA B 112 6.53 8.75 31.86
C ALA B 112 5.13 9.02 31.35
N ARG B 113 4.55 8.07 30.62
CA ARG B 113 3.23 8.33 30.03
C ARG B 113 2.17 8.38 31.10
N VAL B 114 2.31 7.56 32.15
CA VAL B 114 1.34 7.54 33.24
C VAL B 114 1.45 8.80 34.09
N CYS B 115 2.68 9.20 34.44
CA CYS B 115 2.85 10.33 35.34
C CYS B 115 2.43 11.63 34.71
N TYR B 116 2.65 11.79 33.40
CA TYR B 116 2.20 12.99 32.72
C TYR B 116 0.72 12.95 32.37
N ASN B 117 0.08 11.79 32.44
CA ASN B 117 -1.32 11.68 32.06
C ASN B 117 -2.24 12.39 33.07
N PRO B 118 -3.22 13.16 32.59
CA PRO B 118 -4.18 13.79 33.53
C PRO B 118 -4.93 12.81 34.42
N ASP B 119 -5.03 11.55 34.02
CA ASP B 119 -5.72 10.52 34.78
C ASP B 119 -4.80 9.71 35.66
N PHE B 120 -3.58 10.22 35.92
CA PHE B 120 -2.58 9.48 36.69
C PHE B 120 -3.17 8.83 37.93
N GLU B 121 -4.03 9.57 38.64
CA GLU B 121 -4.59 9.06 39.89
C GLU B 121 -5.42 7.81 39.65
N LYS B 122 -6.18 7.77 38.56
CA LYS B 122 -6.99 6.58 38.25
C LYS B 122 -6.10 5.41 37.85
N LEU B 123 -5.11 5.65 36.98
CA LEU B 123 -4.24 4.60 36.48
C LEU B 123 -3.10 4.26 37.42
N LYS B 124 -2.97 4.97 38.55
CA LYS B 124 -1.87 4.69 39.47
C LYS B 124 -1.86 3.24 39.95
N PRO B 125 -2.94 2.69 40.53
CA PRO B 125 -2.85 1.32 41.05
C PRO B 125 -2.66 0.28 39.96
N GLY B 126 -3.24 0.50 38.78
CA GLY B 126 -3.05 -0.44 37.69
C GLY B 126 -1.61 -0.54 37.25
N PHE B 127 -0.93 0.60 37.18
CA PHE B 127 0.48 0.61 36.78
C PHE B 127 1.37 -0.04 37.83
N LEU B 128 0.98 0.05 39.10
CA LEU B 128 1.82 -0.50 40.16
C LEU B 128 1.90 -2.01 40.07
N LYS B 129 0.78 -2.68 39.78
CA LYS B 129 0.83 -4.14 39.64
C LYS B 129 1.60 -4.56 38.41
N GLU B 130 1.88 -3.65 37.49
CA GLU B 130 2.71 -3.94 36.33
C GLU B 130 4.21 -3.92 36.62
N ILE B 131 4.64 -3.30 37.73
CA ILE B 131 6.07 -3.07 37.97
C ILE B 131 6.85 -4.35 38.24
N PRO B 132 6.35 -5.28 39.07
CA PRO B 132 7.14 -6.50 39.36
C PRO B 132 7.54 -7.25 38.11
N GLU B 133 6.66 -7.30 37.12
CA GLU B 133 7.00 -8.03 35.92
C GLU B 133 8.13 -7.35 35.14
N LYS B 134 8.14 -6.01 35.05
CA LYS B 134 9.27 -5.34 34.40
C LYS B 134 10.57 -5.63 35.14
N MET B 135 10.57 -5.56 36.47
CA MET B 135 11.80 -5.73 37.24
C MET B 135 12.34 -7.15 37.10
N LYS B 136 11.45 -8.14 37.13
CA LYS B 136 11.85 -9.53 36.86
C LYS B 136 12.58 -9.64 35.53
N LEU B 137 12.13 -8.88 34.52
CA LEU B 137 12.84 -8.89 33.24
C LEU B 137 14.26 -8.38 33.39
N PHE B 138 14.44 -7.25 34.10
CA PHE B 138 15.80 -6.72 34.27
C PHE B 138 16.66 -7.68 35.11
N SER B 139 16.12 -8.17 36.22
CA SER B 139 16.86 -9.09 37.07
C SER B 139 17.31 -10.31 36.30
N GLU B 140 16.41 -10.91 35.52
CA GLU B 140 16.79 -12.11 34.75
C GLU B 140 17.81 -11.78 33.68
N PHE B 141 17.74 -10.58 33.10
CA PHE B 141 18.72 -10.16 32.09
C PHE B 141 20.09 -9.98 32.70
N LEU B 142 20.17 -9.29 33.83
CA LEU B 142 21.44 -9.10 34.53
C LEU B 142 22.07 -10.44 34.92
N GLY B 143 21.26 -11.36 35.48
CA GLY B 143 21.83 -12.61 35.92
C GLY B 143 22.82 -12.37 37.04
N LYS B 144 23.90 -13.15 37.06
CA LYS B 144 24.96 -12.94 38.02
C LYS B 144 26.08 -12.07 37.46
N ARG B 145 25.82 -11.32 36.39
CA ARG B 145 26.82 -10.44 35.83
C ARG B 145 27.09 -9.26 36.77
N THR B 146 28.33 -8.76 36.71
CA THR B 146 28.68 -7.59 37.51
C THR B 146 28.01 -6.33 36.97
N TRP B 147 28.02 -6.15 35.65
CA TRP B 147 27.31 -5.06 35.00
C TRP B 147 26.44 -5.69 33.91
N PHE B 148 25.63 -4.85 33.25
CA PHE B 148 24.56 -5.40 32.44
C PHE B 148 25.04 -5.96 31.10
N ALA B 149 26.16 -5.47 30.57
CA ALA B 149 26.75 -6.07 29.38
C ALA B 149 27.89 -7.01 29.73
N GLY B 150 27.99 -7.40 31.00
CA GLY B 150 29.04 -8.32 31.40
C GLY B 150 29.97 -7.74 32.44
N ASP B 151 31.27 -7.86 32.21
CA ASP B 151 32.26 -7.62 33.24
C ASP B 151 32.71 -6.17 33.37
N LYS B 152 32.58 -5.37 32.32
CA LYS B 152 33.09 -4.01 32.34
C LYS B 152 31.95 -3.01 32.26
N LEU B 153 32.13 -1.87 32.92
CA LEU B 153 31.08 -0.86 33.01
C LEU B 153 30.83 -0.23 31.66
N ASN B 154 29.55 -0.08 31.34
CA ASN B 154 29.11 0.42 30.05
C ASN B 154 28.15 1.57 30.28
N TYR B 155 28.05 2.44 29.28
CA TYR B 155 27.09 3.53 29.41
C TYR B 155 25.67 3.03 29.64
N VAL B 156 25.33 1.82 29.14
CA VAL B 156 23.97 1.32 29.37
C VAL B 156 23.72 1.09 30.84
N ASP B 157 24.77 0.78 31.61
CA ASP B 157 24.60 0.69 33.05
C ASP B 157 24.09 1.98 33.64
N PHE B 158 24.47 3.12 33.04
CA PHE B 158 23.97 4.41 33.49
C PHE B 158 22.47 4.58 33.17
N LEU B 159 22.04 4.16 31.98
CA LEU B 159 20.61 4.10 31.66
C LEU B 159 19.85 3.16 32.61
N ALA B 160 20.36 1.94 32.79
CA ALA B 160 19.67 1.00 33.65
C ALA B 160 19.59 1.52 35.09
N TYR B 161 20.67 2.14 35.57
CA TYR B 161 20.63 2.73 36.89
C TYR B 161 19.57 3.82 36.98
N ASP B 162 19.53 4.71 35.99
CA ASP B 162 18.61 5.84 36.10
C ASP B 162 17.15 5.37 36.03
N VAL B 163 16.85 4.41 35.17
CA VAL B 163 15.47 3.95 34.99
C VAL B 163 15.01 3.14 36.20
N LEU B 164 15.90 2.30 36.75
CA LEU B 164 15.56 1.50 37.92
C LEU B 164 15.39 2.38 39.14
N ASP B 165 16.23 3.40 39.25
CA ASP B 165 16.09 4.33 40.35
C ASP B 165 14.75 5.07 40.28
N VAL B 166 14.33 5.46 39.08
CA VAL B 166 13.07 6.20 38.96
C VAL B 166 11.90 5.33 39.39
N TYR B 167 11.96 4.03 39.07
CA TYR B 167 10.94 3.10 39.56
C TYR B 167 11.06 2.91 41.07
N ARG B 168 12.28 2.78 41.58
CA ARG B 168 12.53 2.67 43.01
C ARG B 168 11.87 3.81 43.79
N ILE B 169 12.01 5.04 43.29
CA ILE B 169 11.43 6.18 44.00
C ILE B 169 9.91 6.08 44.01
N PHE B 170 9.31 5.79 42.87
CA PHE B 170 7.86 5.60 42.82
C PHE B 170 7.41 4.50 43.76
N GLU B 171 8.08 3.34 43.69
CA GLU B 171 7.71 2.15 44.46
C GLU B 171 8.95 1.66 45.21
N PRO B 172 9.15 2.07 46.46
CA PRO B 172 10.41 1.74 47.15
C PRO B 172 10.67 0.26 47.34
N LYS B 173 9.63 -0.58 47.36
CA LYS B 173 9.81 -2.01 47.53
C LYS B 173 9.96 -2.77 46.21
N CYS B 174 10.09 -2.07 45.07
CA CYS B 174 10.01 -2.77 43.79
C CYS B 174 11.24 -3.62 43.47
N LEU B 175 12.38 -3.41 44.14
CA LEU B 175 13.55 -4.24 43.91
C LEU B 175 13.74 -5.35 44.94
N ASP B 176 12.82 -5.50 45.89
CA ASP B 176 13.09 -6.33 47.06
C ASP B 176 13.26 -7.81 46.71
N GLU B 177 12.50 -8.31 45.73
CA GLU B 177 12.62 -9.70 45.37
C GLU B 177 13.74 -9.96 44.37
N PHE B 178 14.63 -9.00 44.18
CA PHE B 178 15.72 -9.12 43.20
C PHE B 178 16.99 -8.58 43.81
N PRO B 179 17.69 -9.39 44.62
CA PRO B 179 18.98 -8.94 45.16
C PRO B 179 19.93 -8.50 44.07
N ASN B 180 19.97 -9.27 42.99
CA ASN B 180 20.51 -8.88 41.69
C ASN B 180 20.64 -7.39 41.48
N LEU B 181 19.48 -6.77 41.31
CA LEU B 181 19.41 -5.35 40.96
C LEU B 181 19.75 -4.46 42.16
N LYS B 182 19.32 -4.86 43.37
CA LYS B 182 19.72 -4.11 44.58
C LYS B 182 21.23 -4.06 44.70
N ASP B 183 21.89 -5.21 44.53
CA ASP B 183 23.35 -5.23 44.46
C ASP B 183 23.87 -4.29 43.39
N PHE B 184 23.24 -4.27 42.20
CA PHE B 184 23.72 -3.46 41.08
C PHE B 184 23.63 -1.96 41.40
N MET B 185 22.53 -1.54 42.01
CA MET B 185 22.40 -0.13 42.39
C MET B 185 23.48 0.25 43.41
N SER B 186 23.76 -0.63 44.37
CA SER B 186 24.81 -0.34 45.35
C SER B 186 26.17 -0.28 44.66
N ARG B 187 26.43 -1.24 43.78
CA ARG B 187 27.69 -1.28 43.04
C ARG B 187 27.87 -0.05 42.17
N PHE B 188 26.78 0.41 41.53
CA PHE B 188 26.86 1.63 40.74
C PHE B 188 27.06 2.86 41.61
N GLU B 189 26.29 2.98 42.70
CA GLU B 189 26.42 4.10 43.63
C GLU B 189 27.77 4.10 44.32
N GLY B 190 28.42 2.94 44.40
CA GLY B 190 29.73 2.85 44.99
C GLY B 190 30.90 3.15 44.07
N LEU B 191 30.66 3.29 42.77
CA LEU B 191 31.72 3.80 41.91
C LEU B 191 32.25 5.12 42.45
N LYS B 192 33.57 5.24 42.46
CA LYS B 192 34.24 6.31 43.19
C LYS B 192 33.83 7.70 42.70
N LYS B 193 34.00 7.96 41.39
CA LYS B 193 33.58 9.26 40.88
C LYS B 193 32.07 9.46 40.96
N ILE B 194 31.29 8.36 40.94
CA ILE B 194 29.84 8.49 41.04
C ILE B 194 29.44 8.93 42.45
N SER B 195 30.07 8.36 43.48
CA SER B 195 29.68 8.69 44.85
C SER B 195 30.11 10.10 45.22
N ALA B 196 31.34 10.48 44.85
CA ALA B 196 31.77 11.87 44.99
C ALA B 196 30.73 12.86 44.43
N TYR B 197 30.00 12.45 43.40
CA TYR B 197 29.03 13.31 42.74
C TYR B 197 27.64 13.25 43.38
N MET B 198 27.15 12.06 43.75
CA MET B 198 25.80 12.00 44.31
C MET B 198 25.74 12.49 45.75
N LYS B 199 26.89 12.57 46.42
CA LYS B 199 26.93 13.25 47.70
C LYS B 199 27.04 14.75 47.53
N SER B 200 27.34 15.21 46.32
CA SER B 200 27.44 16.62 46.04
C SER B 200 26.07 17.31 46.13
N SER B 201 26.12 18.64 46.20
CA SER B 201 24.91 19.45 46.21
C SER B 201 24.42 19.74 44.81
N ARG B 202 25.32 19.65 43.82
CA ARG B 202 24.91 19.63 42.42
C ARG B 202 23.85 18.57 42.18
N PHE B 203 24.13 17.32 42.60
CA PHE B 203 23.31 16.16 42.28
C PHE B 203 21.81 16.42 42.33
N LEU B 204 21.18 16.32 41.16
CA LEU B 204 19.74 16.56 41.01
C LEU B 204 19.02 15.22 41.10
N ARG B 205 18.68 14.81 42.32
CA ARG B 205 17.85 13.62 42.50
C ARG B 205 16.42 13.85 42.04
N SER B 206 15.97 15.10 42.03
CA SER B 206 14.62 15.51 41.70
C SER B 206 14.69 16.95 41.19
N PRO B 207 13.63 17.45 40.53
CA PRO B 207 12.38 16.78 40.10
C PRO B 207 12.60 15.78 38.97
N LEU B 208 11.93 14.63 39.04
CA LEU B 208 12.04 13.63 37.99
C LEU B 208 11.52 14.17 36.66
N PHE B 209 10.36 14.79 36.69
CA PHE B 209 9.63 15.18 35.50
C PHE B 209 9.50 16.70 35.43
N LEU B 210 8.83 17.14 34.37
CA LEU B 210 8.57 18.56 34.20
C LEU B 210 7.39 18.98 35.04
N LYS B 211 7.24 20.31 35.20
CA LYS B 211 6.34 20.84 36.21
C LYS B 211 4.91 20.37 36.02
N MET B 212 4.50 20.05 34.79
CA MET B 212 3.11 19.71 34.52
C MET B 212 2.81 18.21 34.66
N ALA B 213 3.77 17.40 35.08
CA ALA B 213 3.47 16.02 35.40
C ALA B 213 2.66 15.94 36.70
N MET B 214 1.92 14.83 36.85
CA MET B 214 1.07 14.58 38.01
C MET B 214 1.81 13.96 39.17
N TRP B 215 3.06 13.56 38.96
CA TRP B 215 3.91 12.99 40.00
C TRP B 215 5.33 13.11 39.50
N GLY B 216 6.23 13.58 40.37
CA GLY B 216 7.62 13.78 39.97
C GLY B 216 7.93 15.18 39.48
N ASN B 217 7.07 16.15 39.75
CA ASN B 217 7.27 17.54 39.37
C ASN B 217 7.81 18.40 40.51
N LYS B 218 7.93 17.84 41.72
CA LYS B 218 8.38 18.54 42.92
C LYS B 218 7.56 19.80 43.24
N PRO C 2 -28.92 2.18 2.82
CA PRO C 2 -27.50 2.05 2.48
C PRO C 2 -27.24 1.07 1.32
N MET C 3 -26.33 1.44 0.43
CA MET C 3 -25.94 0.57 -0.66
C MET C 3 -24.99 -0.51 -0.16
N ILE C 4 -24.96 -1.63 -0.87
CA ILE C 4 -24.14 -2.77 -0.50
C ILE C 4 -23.17 -3.04 -1.64
N LEU C 5 -21.89 -2.85 -1.40
CA LEU C 5 -20.84 -3.24 -2.32
C LEU C 5 -20.19 -4.52 -1.80
N GLY C 6 -20.22 -5.57 -2.61
CA GLY C 6 -19.68 -6.87 -2.23
C GLY C 6 -18.43 -7.19 -3.05
N TYR C 7 -17.40 -7.64 -2.36
CA TYR C 7 -16.14 -7.95 -3.02
C TYR C 7 -15.29 -8.69 -2.01
N TRP C 8 -14.15 -9.20 -2.49
CA TRP C 8 -13.18 -9.80 -1.58
C TRP C 8 -12.53 -8.71 -0.74
N ASP C 9 -11.82 -9.14 0.32
CA ASP C 9 -11.10 -8.19 1.16
C ASP C 9 -9.77 -7.82 0.54
N ILE C 10 -9.77 -7.50 -0.75
CA ILE C 10 -8.58 -6.97 -1.42
C ILE C 10 -8.98 -5.64 -2.04
N ARG C 11 -8.00 -4.94 -2.61
CA ARG C 11 -8.27 -3.72 -3.36
C ARG C 11 -8.93 -4.10 -4.68
N GLY C 12 -8.15 -4.70 -5.59
CA GLY C 12 -8.70 -5.32 -6.79
C GLY C 12 -9.54 -4.40 -7.67
N LEU C 13 -10.65 -4.93 -8.17
CA LEU C 13 -11.52 -4.25 -9.12
C LEU C 13 -12.54 -3.32 -8.45
N ALA C 14 -12.55 -3.21 -7.13
CA ALA C 14 -13.49 -2.33 -6.45
C ALA C 14 -12.88 -0.99 -6.03
N HIS C 15 -11.57 -0.79 -6.24
CA HIS C 15 -10.93 0.47 -5.87
C HIS C 15 -11.63 1.66 -6.52
N ALA C 16 -11.82 1.61 -7.84
CA ALA C 16 -12.48 2.70 -8.54
C ALA C 16 -13.91 2.89 -8.07
N ILE C 17 -14.60 1.79 -7.71
CA ILE C 17 -15.96 1.91 -7.17
C ILE C 17 -15.93 2.58 -5.81
N ARG C 18 -14.98 2.20 -4.94
CA ARG C 18 -14.89 2.81 -3.62
C ARG C 18 -14.56 4.28 -3.73
N LEU C 19 -13.57 4.62 -4.56
CA LEU C 19 -13.23 6.01 -4.77
C LEU C 19 -14.44 6.80 -5.25
N LEU C 20 -15.18 6.25 -6.21
CA LEU C 20 -16.37 6.92 -6.74
C LEU C 20 -17.48 6.99 -5.70
N LEU C 21 -17.73 5.88 -4.98
CA LEU C 21 -18.74 5.94 -3.93
C LEU C 21 -18.40 7.03 -2.93
N GLU C 22 -17.12 7.18 -2.61
CA GLU C 22 -16.70 8.16 -1.61
C GLU C 22 -16.68 9.57 -2.20
N TYR C 23 -16.30 9.73 -3.47
CA TYR C 23 -16.33 11.05 -4.08
C TYR C 23 -17.75 11.59 -4.16
N THR C 24 -18.72 10.72 -4.39
CA THR C 24 -20.10 11.16 -4.54
C THR C 24 -20.86 11.19 -3.23
N GLY C 25 -20.20 10.94 -2.09
CA GLY C 25 -20.90 10.97 -0.82
C GLY C 25 -22.04 9.97 -0.73
N SER C 26 -21.90 8.80 -1.35
CA SER C 26 -22.96 7.82 -1.31
C SER C 26 -22.98 7.06 0.01
N ASP C 27 -24.18 6.69 0.46
CA ASP C 27 -24.36 5.96 1.71
C ASP C 27 -24.23 4.47 1.40
N TYR C 28 -23.09 3.89 1.78
CA TYR C 28 -22.76 2.51 1.41
C TYR C 28 -22.03 1.81 2.54
N GLU C 29 -22.28 0.51 2.63
CA GLU C 29 -21.48 -0.43 3.42
C GLU C 29 -20.91 -1.48 2.48
N GLU C 30 -19.89 -2.18 2.95
CA GLU C 30 -19.24 -3.23 2.18
C GLU C 30 -19.57 -4.60 2.78
N LYS C 31 -19.91 -5.54 1.92
CA LYS C 31 -20.03 -6.94 2.27
C LYS C 31 -18.72 -7.60 1.86
N ILE C 32 -17.92 -8.01 2.84
CA ILE C 32 -16.57 -8.51 2.61
C ILE C 32 -16.58 -10.03 2.52
N TYR C 33 -15.94 -10.56 1.50
CA TYR C 33 -15.78 -12.00 1.32
C TYR C 33 -14.30 -12.34 1.50
N SER C 34 -13.99 -13.18 2.48
CA SER C 34 -12.61 -13.57 2.71
C SER C 34 -12.32 -14.90 2.05
N MET C 35 -11.15 -14.99 1.43
CA MET C 35 -10.69 -16.22 0.80
C MET C 35 -9.81 -16.98 1.78
N GLY C 36 -9.96 -18.30 1.81
CA GLY C 36 -9.12 -19.12 2.65
C GLY C 36 -7.68 -19.16 2.17
N ASP C 37 -6.78 -19.53 3.07
CA ASP C 37 -5.37 -19.54 2.73
C ASP C 37 -5.06 -20.65 1.73
N ALA C 38 -3.84 -20.61 1.20
CA ALA C 38 -3.33 -21.67 0.36
C ALA C 38 -3.32 -23.00 1.12
N PRO C 39 -3.45 -24.14 0.42
CA PRO C 39 -3.46 -24.30 -1.03
C PRO C 39 -4.85 -24.31 -1.69
N ASP C 40 -5.91 -24.59 -0.93
CA ASP C 40 -7.23 -24.72 -1.53
C ASP C 40 -7.87 -23.39 -1.86
N TYR C 41 -7.43 -22.30 -1.22
CA TYR C 41 -7.96 -20.94 -1.44
C TYR C 41 -9.50 -20.95 -1.40
N ASP C 42 -10.00 -21.11 -0.17
CA ASP C 42 -11.42 -21.30 0.10
C ASP C 42 -12.28 -20.13 -0.37
N ARG C 43 -12.94 -20.29 -1.51
CA ARG C 43 -13.95 -19.35 -1.99
C ARG C 43 -15.35 -19.70 -1.50
N SER C 44 -15.46 -20.50 -0.45
CA SER C 44 -16.76 -20.91 0.08
C SER C 44 -17.50 -19.76 0.75
N GLN C 45 -16.80 -18.75 1.22
CA GLN C 45 -17.48 -17.62 1.84
C GLN C 45 -18.41 -16.92 0.85
N TRP C 46 -18.12 -17.03 -0.44
CA TRP C 46 -18.90 -16.39 -1.49
C TRP C 46 -19.75 -17.39 -2.27
N LEU C 47 -19.21 -18.58 -2.54
CA LEU C 47 -19.98 -19.56 -3.30
C LEU C 47 -21.29 -19.93 -2.59
N SER C 48 -21.29 -19.91 -1.24
CA SER C 48 -22.49 -20.29 -0.50
C SER C 48 -23.60 -19.25 -0.63
N GLU C 49 -23.25 -17.99 -0.90
CA GLU C 49 -24.20 -16.90 -1.13
C GLU C 49 -24.40 -16.57 -2.60
N LYS C 50 -23.55 -17.10 -3.49
CA LYS C 50 -23.37 -16.53 -4.83
C LYS C 50 -24.67 -16.49 -5.62
N PHE C 51 -25.42 -17.60 -5.62
CA PHE C 51 -26.66 -17.66 -6.37
C PHE C 51 -27.89 -17.37 -5.51
N LYS C 52 -27.70 -16.69 -4.37
CA LYS C 52 -28.81 -16.34 -3.48
C LYS C 52 -28.94 -14.83 -3.26
N LEU C 53 -28.32 -14.01 -4.13
CA LEU C 53 -28.32 -12.57 -3.98
C LEU C 53 -29.17 -11.83 -5.02
N GLY C 54 -29.95 -12.54 -5.82
CA GLY C 54 -30.76 -11.87 -6.82
C GLY C 54 -30.00 -11.29 -8.00
N LEU C 55 -28.75 -11.69 -8.18
CA LEU C 55 -27.91 -11.18 -9.26
C LEU C 55 -28.17 -11.93 -10.56
N ASP C 56 -28.10 -11.20 -11.67
CA ASP C 56 -28.40 -11.78 -12.98
C ASP C 56 -27.26 -12.68 -13.47
N PHE C 57 -26.02 -12.20 -13.35
CA PHE C 57 -24.82 -12.98 -13.64
C PHE C 57 -23.94 -12.85 -12.42
N PRO C 58 -24.16 -13.69 -11.39
CA PRO C 58 -23.50 -13.49 -10.09
C PRO C 58 -21.99 -13.43 -10.23
N ASN C 59 -21.41 -12.40 -9.62
CA ASN C 59 -20.00 -12.10 -9.81
C ASN C 59 -19.61 -11.09 -8.74
N LEU C 60 -18.30 -10.94 -8.56
CA LEU C 60 -17.75 -9.97 -7.63
C LEU C 60 -16.85 -9.01 -8.39
N PRO C 61 -17.05 -7.68 -8.26
CA PRO C 61 -17.95 -7.02 -7.32
C PRO C 61 -19.42 -7.03 -7.70
N TYR C 62 -20.28 -6.73 -6.73
CA TYR C 62 -21.67 -6.44 -7.02
C TYR C 62 -22.08 -5.23 -6.20
N LEU C 63 -23.21 -4.63 -6.58
CA LEU C 63 -23.74 -3.47 -5.89
C LEU C 63 -25.24 -3.59 -5.75
N ILE C 64 -25.73 -3.54 -4.53
CA ILE C 64 -27.16 -3.50 -4.27
C ILE C 64 -27.51 -2.07 -3.88
N ASP C 65 -28.42 -1.46 -4.63
CA ASP C 65 -28.85 -0.07 -4.41
C ASP C 65 -30.36 -0.09 -4.60
N GLY C 66 -31.07 -0.37 -3.51
CA GLY C 66 -32.52 -0.47 -3.56
C GLY C 66 -33.00 -1.67 -4.34
N ALA C 67 -33.78 -1.40 -5.38
CA ALA C 67 -34.28 -2.43 -6.30
C ALA C 67 -33.31 -2.76 -7.43
N HIS C 68 -32.08 -2.26 -7.37
CA HIS C 68 -31.11 -2.47 -8.43
C HIS C 68 -30.01 -3.39 -7.93
N ARG C 69 -29.85 -4.53 -8.60
CA ARG C 69 -28.79 -5.48 -8.28
C ARG C 69 -27.88 -5.60 -9.49
N LEU C 70 -26.61 -5.23 -9.31
CA LEU C 70 -25.66 -5.10 -10.40
C LEU C 70 -24.42 -5.91 -10.09
N THR C 71 -23.94 -6.63 -11.10
CA THR C 71 -22.55 -7.06 -11.20
C THR C 71 -21.92 -6.35 -12.41
N GLN C 72 -20.62 -6.62 -12.59
CA GLN C 72 -19.75 -6.04 -13.63
C GLN C 72 -19.31 -4.63 -13.24
N SER C 73 -18.03 -4.51 -12.86
CA SER C 73 -17.52 -3.27 -12.27
C SER C 73 -17.70 -2.06 -13.18
N ASN C 74 -17.70 -2.23 -14.50
CA ASN C 74 -17.92 -1.07 -15.37
C ASN C 74 -19.38 -0.68 -15.37
N ALA C 75 -20.29 -1.65 -15.30
CA ALA C 75 -21.70 -1.35 -15.14
C ALA C 75 -21.98 -0.61 -13.84
N ILE C 76 -21.29 -1.00 -12.76
CA ILE C 76 -21.49 -0.36 -11.46
C ILE C 76 -20.98 1.08 -11.47
N LEU C 77 -19.77 1.31 -12.02
CA LEU C 77 -19.28 2.68 -12.13
C LEU C 77 -20.23 3.56 -12.93
N ARG C 78 -20.75 3.04 -14.06
CA ARG C 78 -21.66 3.82 -14.89
C ARG C 78 -22.97 4.12 -14.15
N TYR C 79 -23.44 3.15 -13.37
CA TYR C 79 -24.66 3.33 -12.58
C TYR C 79 -24.51 4.46 -11.57
N ILE C 80 -23.39 4.45 -10.84
CA ILE C 80 -23.14 5.49 -9.84
C ILE C 80 -22.89 6.83 -10.53
N ALA C 81 -22.21 6.81 -11.68
CA ALA C 81 -21.93 8.06 -12.40
C ALA C 81 -23.23 8.73 -12.86
N ARG C 82 -24.18 7.95 -13.38
CA ARG C 82 -25.45 8.53 -13.81
C ARG C 82 -26.18 9.20 -12.65
N LYS C 83 -26.13 8.60 -11.47
CA LYS C 83 -26.79 9.19 -10.31
C LYS C 83 -26.23 10.55 -9.95
N HIS C 84 -24.99 10.84 -10.32
CA HIS C 84 -24.37 12.09 -9.90
C HIS C 84 -23.82 12.89 -11.09
N ASN C 85 -24.38 12.66 -12.29
CA ASN C 85 -24.05 13.39 -13.51
C ASN C 85 -22.54 13.40 -13.78
N LEU C 86 -22.00 12.19 -13.95
CA LEU C 86 -20.57 12.02 -14.11
C LEU C 86 -20.18 11.16 -15.34
N CSO C 87 -20.91 11.33 -16.44
CA CSO C 87 -20.37 10.85 -17.70
CB CSO C 87 -21.02 9.52 -18.16
SG CSO C 87 -22.57 9.10 -17.34
C CSO C 87 -20.52 11.93 -18.75
O CSO C 87 -21.04 13.01 -18.46
OD CSO C 87 -23.56 8.04 -18.41
N GLY C 88 -20.03 11.67 -19.95
CA GLY C 88 -19.84 12.70 -20.96
C GLY C 88 -21.05 13.50 -21.36
N GLU C 89 -20.82 14.78 -21.68
CA GLU C 89 -21.87 15.66 -22.18
C GLU C 89 -21.85 15.62 -23.71
N THR C 90 -20.78 16.11 -24.30
CA THR C 90 -20.68 16.17 -25.75
C THR C 90 -20.32 14.79 -26.31
N GLU C 91 -20.61 14.61 -27.60
CA GLU C 91 -20.27 13.37 -28.28
C GLU C 91 -18.78 13.06 -28.15
N GLU C 92 -17.90 14.07 -28.30
CA GLU C 92 -16.47 13.82 -28.15
C GLU C 92 -16.15 13.33 -26.75
N GLU C 93 -16.80 13.90 -25.73
CA GLU C 93 -16.56 13.43 -24.37
C GLU C 93 -17.01 11.99 -24.19
N LYS C 94 -18.17 11.63 -24.78
CA LYS C 94 -18.64 10.27 -24.67
C LYS C 94 -17.76 9.28 -25.43
N ILE C 95 -17.11 9.72 -26.50
CA ILE C 95 -16.22 8.82 -27.21
C ILE C 95 -14.96 8.58 -26.39
N ARG C 96 -14.31 9.66 -25.97
CA ARG C 96 -13.17 9.55 -25.07
C ARG C 96 -13.49 8.63 -23.88
N VAL C 97 -14.66 8.81 -23.25
CA VAL C 97 -15.00 7.97 -22.11
C VAL C 97 -15.05 6.50 -22.50
N ASP C 98 -15.92 6.16 -23.48
CA ASP C 98 -16.06 4.78 -23.95
C ASP C 98 -14.71 4.16 -24.27
N VAL C 99 -13.85 4.90 -24.98
CA VAL C 99 -12.59 4.33 -25.41
C VAL C 99 -11.69 4.08 -24.21
N LEU C 100 -11.54 5.10 -23.35
CA LEU C 100 -10.65 4.98 -22.20
C LEU C 100 -11.15 3.93 -21.22
N GLU C 101 -12.47 3.81 -21.05
CA GLU C 101 -13.00 2.81 -20.13
C GLU C 101 -12.59 1.40 -20.58
N ASN C 102 -12.76 1.09 -21.87
CA ASN C 102 -12.33 -0.22 -22.36
C ASN C 102 -10.82 -0.34 -22.39
N GLN C 103 -10.11 0.72 -22.79
CA GLN C 103 -8.65 0.70 -22.75
C GLN C 103 -8.15 0.38 -21.35
N ALA C 104 -8.74 1.00 -20.33
CA ALA C 104 -8.34 0.74 -18.94
C ALA C 104 -8.40 -0.75 -18.61
N MET C 105 -9.51 -1.42 -18.95
CA MET C 105 -9.60 -2.84 -18.61
C MET C 105 -8.52 -3.63 -19.30
N ASP C 106 -8.24 -3.30 -20.56
CA ASP C 106 -7.20 -3.99 -21.30
C ASP C 106 -5.85 -3.83 -20.62
N THR C 107 -5.51 -2.60 -20.23
CA THR C 107 -4.23 -2.35 -19.58
C THR C 107 -4.15 -2.99 -18.19
N ARG C 108 -5.26 -3.01 -17.46
CA ARG C 108 -5.23 -3.70 -16.19
C ARG C 108 -4.95 -5.18 -16.42
N LEU C 109 -5.78 -5.82 -17.23
CA LEU C 109 -5.64 -7.25 -17.50
C LEU C 109 -4.29 -7.60 -18.11
N ASP C 110 -3.74 -6.71 -18.96
CA ASP C 110 -2.39 -6.94 -19.46
C ASP C 110 -1.39 -7.11 -18.33
N PHE C 111 -1.60 -6.37 -17.22
CA PHE C 111 -0.76 -6.51 -16.04
C PHE C 111 -1.18 -7.68 -15.16
N ALA C 112 -2.47 -7.88 -14.93
CA ALA C 112 -2.89 -8.93 -14.00
C ALA C 112 -2.56 -10.31 -14.56
N ARG C 113 -2.60 -10.47 -15.89
CA ARG C 113 -2.23 -11.74 -16.50
C ARG C 113 -0.81 -12.14 -16.10
N VAL C 114 0.11 -11.19 -16.07
CA VAL C 114 1.50 -11.50 -15.71
C VAL C 114 1.60 -11.91 -14.25
N CYS C 115 0.88 -11.22 -13.36
CA CYS C 115 1.01 -11.48 -11.93
C CYS C 115 0.30 -12.77 -11.51
N TYR C 116 -0.78 -13.14 -12.19
CA TYR C 116 -1.42 -14.41 -11.90
C TYR C 116 -0.80 -15.58 -12.65
N ASN C 117 0.18 -15.31 -13.51
CA ASN C 117 0.85 -16.33 -14.30
C ASN C 117 1.95 -16.98 -13.47
N PRO C 118 2.00 -18.32 -13.39
CA PRO C 118 3.08 -18.97 -12.63
C PRO C 118 4.46 -18.56 -13.08
N ASP C 119 4.61 -18.19 -14.34
CA ASP C 119 5.86 -17.77 -14.92
C ASP C 119 6.12 -16.28 -14.74
N PHE C 120 5.40 -15.63 -13.82
CA PHE C 120 5.55 -14.20 -13.58
C PHE C 120 7.01 -13.80 -13.52
N GLU C 121 7.83 -14.58 -12.81
CA GLU C 121 9.21 -14.20 -12.57
C GLU C 121 9.97 -14.01 -13.89
N LYS C 122 9.87 -14.99 -14.79
CA LYS C 122 10.57 -14.90 -16.07
C LYS C 122 9.91 -13.93 -17.04
N LEU C 123 8.60 -13.70 -16.91
CA LEU C 123 7.91 -12.75 -17.79
C LEU C 123 8.14 -11.31 -17.38
N LYS C 124 8.49 -11.06 -16.13
CA LYS C 124 8.58 -9.69 -15.64
C LYS C 124 9.60 -8.84 -16.40
N PRO C 125 10.82 -9.31 -16.70
CA PRO C 125 11.74 -8.45 -17.45
C PRO C 125 11.16 -7.92 -18.76
N GLY C 126 10.50 -8.78 -19.53
CA GLY C 126 9.89 -8.31 -20.76
C GLY C 126 8.70 -7.40 -20.52
N PHE C 127 7.83 -7.74 -19.56
CA PHE C 127 6.70 -6.87 -19.27
C PHE C 127 7.15 -5.50 -18.80
N LEU C 128 8.26 -5.46 -18.05
CA LEU C 128 8.82 -4.17 -17.64
C LEU C 128 9.12 -3.29 -18.85
N LYS C 129 9.65 -3.86 -19.93
CA LYS C 129 10.02 -3.03 -21.07
C LYS C 129 8.82 -2.57 -21.89
N GLU C 130 7.64 -3.17 -21.72
CA GLU C 130 6.44 -2.70 -22.41
C GLU C 130 5.77 -1.52 -21.73
N ILE C 131 6.19 -1.16 -20.52
CA ILE C 131 5.46 -0.18 -19.73
C ILE C 131 5.67 1.23 -20.29
N PRO C 132 6.89 1.66 -20.63
CA PRO C 132 7.05 3.04 -21.14
C PRO C 132 6.11 3.38 -22.28
N GLU C 133 5.88 2.46 -23.22
CA GLU C 133 5.00 2.81 -24.33
C GLU C 133 3.53 2.80 -23.92
N LYS C 134 3.14 1.89 -23.02
CA LYS C 134 1.79 1.97 -22.44
C LYS C 134 1.54 3.34 -21.82
N MET C 135 2.47 3.80 -20.97
CA MET C 135 2.32 5.09 -20.32
C MET C 135 2.32 6.23 -21.33
N LYS C 136 3.26 6.21 -22.29
CA LYS C 136 3.30 7.24 -23.32
C LYS C 136 1.94 7.39 -23.99
N LEU C 137 1.24 6.28 -24.21
CA LEU C 137 -0.08 6.36 -24.82
C LEU C 137 -1.05 7.10 -23.93
N PHE C 138 -0.97 6.86 -22.62
CA PHE C 138 -1.88 7.53 -21.70
C PHE C 138 -1.55 9.01 -21.59
N SER C 139 -0.26 9.36 -21.64
CA SER C 139 0.12 10.77 -21.59
C SER C 139 -0.36 11.53 -22.82
N GLU C 140 -0.10 10.98 -24.01
CA GLU C 140 -0.53 11.65 -25.22
C GLU C 140 -2.05 11.80 -25.27
N PHE C 141 -2.80 10.85 -24.71
CA PHE C 141 -4.26 10.91 -24.77
C PHE C 141 -4.81 11.96 -23.81
N LEU C 142 -4.22 12.06 -22.61
CA LEU C 142 -4.60 13.13 -21.71
C LEU C 142 -4.27 14.49 -22.30
N GLY C 143 -3.10 14.60 -22.95
CA GLY C 143 -2.74 15.85 -23.57
C GLY C 143 -2.61 16.91 -22.51
N LYS C 144 -2.99 18.13 -22.85
CA LYS C 144 -2.97 19.22 -21.88
C LYS C 144 -4.30 19.38 -21.17
N ARG C 145 -5.11 18.32 -21.10
CA ARG C 145 -6.41 18.43 -20.49
C ARG C 145 -6.32 18.31 -18.97
N THR C 146 -7.33 18.88 -18.30
CA THR C 146 -7.41 18.78 -16.84
C THR C 146 -7.77 17.36 -16.41
N TRP C 147 -8.79 16.79 -17.04
CA TRP C 147 -9.15 15.40 -16.84
C TRP C 147 -9.17 14.73 -18.20
N PHE C 148 -9.41 13.41 -18.21
CA PHE C 148 -9.18 12.64 -19.43
C PHE C 148 -10.23 12.90 -20.50
N ALA C 149 -11.37 13.49 -20.15
CA ALA C 149 -12.39 13.81 -21.13
C ALA C 149 -12.76 15.28 -21.08
N GLY C 150 -11.81 16.14 -20.71
CA GLY C 150 -12.05 17.57 -20.75
C GLY C 150 -11.89 18.29 -19.43
N ASP C 151 -12.58 19.43 -19.31
CA ASP C 151 -12.50 20.29 -18.14
C ASP C 151 -13.27 19.74 -16.94
N LYS C 152 -13.98 18.63 -17.09
CA LYS C 152 -14.89 18.14 -16.07
C LYS C 152 -14.49 16.74 -15.61
N LEU C 153 -14.58 16.49 -14.30
CA LEU C 153 -14.26 15.18 -13.76
C LEU C 153 -15.27 14.15 -14.22
N ASN C 154 -14.82 12.90 -14.32
CA ASN C 154 -15.58 11.86 -14.98
C ASN C 154 -15.29 10.53 -14.30
N TYR C 155 -16.27 9.63 -14.33
CA TYR C 155 -16.05 8.32 -13.70
C TYR C 155 -14.88 7.58 -14.34
N VAL C 156 -14.60 7.86 -15.62
CA VAL C 156 -13.48 7.21 -16.29
C VAL C 156 -12.15 7.66 -15.69
N ASP C 157 -12.13 8.85 -15.07
CA ASP C 157 -10.95 9.30 -14.34
C ASP C 157 -10.65 8.47 -13.10
N PHE C 158 -11.66 7.83 -12.51
CA PHE C 158 -11.38 6.91 -11.41
C PHE C 158 -10.77 5.61 -11.90
N LEU C 159 -11.12 5.18 -13.12
CA LEU C 159 -10.48 4.01 -13.72
C LEU C 159 -9.06 4.32 -14.17
N ALA C 160 -8.86 5.47 -14.81
CA ALA C 160 -7.51 5.84 -15.23
C ALA C 160 -6.60 5.95 -14.01
N TYR C 161 -7.06 6.63 -12.95
CA TYR C 161 -6.25 6.75 -11.73
C TYR C 161 -5.89 5.38 -11.19
N ASP C 162 -6.88 4.50 -11.03
CA ASP C 162 -6.63 3.20 -10.43
C ASP C 162 -5.62 2.41 -11.23
N VAL C 163 -5.81 2.30 -12.54
CA VAL C 163 -4.91 1.50 -13.39
C VAL C 163 -3.49 2.09 -13.39
N LEU C 164 -3.38 3.42 -13.53
CA LEU C 164 -2.07 4.07 -13.46
C LEU C 164 -1.42 3.91 -12.08
N ASP C 165 -2.21 3.96 -11.01
CA ASP C 165 -1.65 3.74 -9.68
C ASP C 165 -1.08 2.32 -9.56
N VAL C 166 -1.77 1.34 -10.13
CA VAL C 166 -1.28 -0.03 -10.06
C VAL C 166 0.07 -0.15 -10.76
N TYR C 167 0.26 0.60 -11.84
CA TYR C 167 1.52 0.52 -12.58
C TYR C 167 2.67 1.18 -11.82
N ARG C 168 2.40 2.32 -11.18
CA ARG C 168 3.46 2.99 -10.42
C ARG C 168 3.78 2.27 -9.12
N ILE C 169 2.83 1.50 -8.57
CA ILE C 169 3.19 0.63 -7.45
C ILE C 169 4.14 -0.47 -7.94
N PHE C 170 3.85 -1.04 -9.10
CA PHE C 170 4.74 -2.07 -9.62
C PHE C 170 6.06 -1.47 -10.09
N GLU C 171 6.01 -0.33 -10.78
CA GLU C 171 7.18 0.37 -11.30
C GLU C 171 7.13 1.82 -10.84
N PRO C 172 7.75 2.13 -9.68
CA PRO C 172 7.67 3.50 -9.12
C PRO C 172 7.97 4.62 -10.11
N LYS C 173 8.99 4.48 -10.94
CA LYS C 173 9.38 5.53 -11.87
C LYS C 173 8.58 5.53 -13.17
N CYS C 174 7.56 4.69 -13.31
CA CYS C 174 6.96 4.53 -14.64
C CYS C 174 6.27 5.81 -15.13
N LEU C 175 6.01 6.77 -14.25
CA LEU C 175 5.39 8.03 -14.67
C LEU C 175 6.36 9.21 -14.69
N ASP C 176 7.65 8.97 -14.42
CA ASP C 176 8.62 10.06 -14.27
C ASP C 176 8.71 10.91 -15.53
N GLU C 177 8.57 10.29 -16.69
CA GLU C 177 8.76 10.93 -17.98
C GLU C 177 7.58 11.81 -18.38
N PHE C 178 6.44 11.69 -17.71
CA PHE C 178 5.19 12.31 -18.14
C PHE C 178 4.66 13.19 -17.01
N PRO C 179 5.11 14.44 -16.92
CA PRO C 179 4.54 15.37 -15.93
C PRO C 179 3.03 15.43 -15.99
N ASN C 180 2.51 15.43 -17.19
CA ASN C 180 1.14 15.12 -17.56
C ASN C 180 0.42 14.22 -16.56
N LEU C 181 0.91 13.00 -16.42
CA LEU C 181 0.22 11.96 -15.67
C LEU C 181 0.49 12.10 -14.19
N LYS C 182 1.71 12.49 -13.83
CA LYS C 182 1.99 12.79 -12.43
C LYS C 182 1.04 13.87 -11.92
N ASP C 183 0.92 14.96 -12.67
CA ASP C 183 0.02 16.01 -12.24
C ASP C 183 -1.42 15.52 -12.16
N PHE C 184 -1.82 14.61 -13.05
CA PHE C 184 -3.17 14.05 -12.97
C PHE C 184 -3.36 13.26 -11.68
N MET C 185 -2.41 12.35 -11.37
CA MET C 185 -2.49 11.55 -10.16
C MET C 185 -2.57 12.42 -8.92
N SER C 186 -1.79 13.50 -8.91
CA SER C 186 -1.75 14.38 -7.75
C SER C 186 -3.02 15.21 -7.66
N ARG C 187 -3.52 15.67 -8.81
CA ARG C 187 -4.81 16.37 -8.84
C ARG C 187 -5.95 15.47 -8.35
N PHE C 188 -5.92 14.19 -8.73
CA PHE C 188 -6.97 13.27 -8.31
C PHE C 188 -6.96 13.08 -6.80
N GLU C 189 -5.79 12.82 -6.24
CA GLU C 189 -5.65 12.63 -4.80
C GLU C 189 -5.99 13.89 -4.03
N GLY C 190 -5.87 15.06 -4.66
CA GLY C 190 -6.18 16.29 -3.95
C GLY C 190 -7.64 16.68 -3.92
N LEU C 191 -8.53 15.90 -4.53
CA LEU C 191 -9.95 16.21 -4.39
C LEU C 191 -10.36 16.01 -2.93
N LYS C 192 -11.11 16.98 -2.40
CA LYS C 192 -11.37 17.04 -0.97
C LYS C 192 -11.90 15.72 -0.42
N LYS C 193 -12.98 15.20 -1.00
CA LYS C 193 -13.55 13.96 -0.46
C LYS C 193 -12.62 12.78 -0.73
N ILE C 194 -11.80 12.84 -1.78
CA ILE C 194 -10.89 11.72 -2.06
C ILE C 194 -9.78 11.67 -1.02
N SER C 195 -9.16 12.83 -0.75
CA SER C 195 -8.05 12.85 0.18
C SER C 195 -8.54 12.55 1.60
N ALA C 196 -9.68 13.11 2.00
CA ALA C 196 -10.24 12.77 3.31
C ALA C 196 -10.50 11.28 3.42
N TYR C 197 -10.96 10.65 2.34
CA TYR C 197 -11.14 9.20 2.33
C TYR C 197 -9.81 8.47 2.51
N MET C 198 -8.74 9.00 1.93
CA MET C 198 -7.47 8.28 2.04
C MET C 198 -6.86 8.44 3.42
N LYS C 199 -7.17 9.55 4.09
CA LYS C 199 -6.77 9.77 5.47
C LYS C 199 -7.78 9.20 6.46
N SER C 200 -8.47 8.15 6.08
CA SER C 200 -9.46 7.52 6.93
C SER C 200 -9.21 6.02 7.01
N SER C 201 -9.80 5.39 8.03
CA SER C 201 -9.66 3.96 8.24
C SER C 201 -10.38 3.14 7.18
N ARG C 202 -11.32 3.74 6.45
CA ARG C 202 -12.03 2.95 5.45
C ARG C 202 -11.16 2.65 4.24
N PHE C 203 -10.02 3.32 4.07
CA PHE C 203 -9.20 3.15 2.87
C PHE C 203 -8.47 1.81 2.90
N LEU C 204 -8.45 1.12 1.75
CA LEU C 204 -7.80 -0.18 1.59
C LEU C 204 -6.86 -0.08 0.40
N ARG C 205 -5.58 0.24 0.67
CA ARG C 205 -4.64 0.50 -0.41
C ARG C 205 -4.02 -0.76 -0.99
N SER C 206 -4.18 -1.90 -0.31
CA SER C 206 -3.63 -3.17 -0.74
C SER C 206 -4.20 -4.26 0.17
N PRO C 207 -4.17 -5.53 -0.26
CA PRO C 207 -3.50 -6.13 -1.42
C PRO C 207 -4.10 -5.71 -2.75
N LEU C 208 -3.25 -5.62 -3.77
CA LEU C 208 -3.73 -5.30 -5.12
C LEU C 208 -4.49 -6.47 -5.72
N PHE C 209 -4.02 -7.70 -5.51
CA PHE C 209 -4.59 -8.89 -6.12
C PHE C 209 -4.95 -9.96 -5.10
N LEU C 210 -5.36 -11.13 -5.57
CA LEU C 210 -5.74 -12.23 -4.68
C LEU C 210 -4.51 -13.02 -4.24
N LYS C 211 -4.75 -13.99 -3.35
CA LYS C 211 -3.66 -14.62 -2.61
C LYS C 211 -2.84 -15.57 -3.47
N MET C 212 -3.43 -16.11 -4.54
CA MET C 212 -2.67 -16.98 -5.43
C MET C 212 -1.92 -16.19 -6.51
N ALA C 213 -1.88 -14.86 -6.39
CA ALA C 213 -1.08 -14.04 -7.28
C ALA C 213 0.39 -14.17 -6.96
N MET C 214 1.21 -13.92 -7.97
CA MET C 214 2.66 -13.95 -7.84
C MET C 214 3.23 -12.61 -7.42
N TRP C 215 2.44 -11.54 -7.49
CA TRP C 215 2.82 -10.22 -7.00
C TRP C 215 1.57 -9.52 -6.48
N GLY C 216 1.75 -8.70 -5.44
CA GLY C 216 0.64 -7.95 -4.91
C GLY C 216 -0.37 -8.74 -4.12
N ASN C 217 0.00 -9.97 -3.72
CA ASN C 217 -0.87 -10.80 -2.89
C ASN C 217 -0.86 -10.34 -1.44
N LYS C 218 0.22 -9.70 -1.00
CA LYS C 218 0.26 -8.98 0.27
C LYS C 218 0.11 -7.47 0.02
N PRO D 2 -17.67 7.57 -46.63
CA PRO D 2 -18.02 6.33 -45.93
C PRO D 2 -17.15 6.02 -44.71
N MET D 3 -17.75 5.37 -43.73
CA MET D 3 -17.02 4.90 -42.58
C MET D 3 -15.99 3.86 -43.01
N ILE D 4 -14.88 3.79 -42.27
CA ILE D 4 -13.88 2.75 -42.47
C ILE D 4 -13.85 1.89 -41.23
N LEU D 5 -14.11 0.61 -41.41
CA LEU D 5 -13.94 -0.38 -40.36
C LEU D 5 -12.73 -1.22 -40.76
N GLY D 6 -11.64 -1.06 -40.03
CA GLY D 6 -10.46 -1.88 -40.21
C GLY D 6 -10.41 -2.98 -39.15
N TYR D 7 -10.00 -4.16 -39.58
CA TYR D 7 -9.89 -5.34 -38.74
C TYR D 7 -9.09 -6.37 -39.52
N TRP D 8 -8.95 -7.56 -38.95
CA TRP D 8 -8.33 -8.71 -39.61
C TRP D 8 -9.31 -9.35 -40.60
N ASP D 9 -8.79 -10.25 -41.43
CA ASP D 9 -9.62 -11.01 -42.35
C ASP D 9 -10.29 -12.21 -41.69
N ILE D 10 -10.62 -12.10 -40.40
CA ILE D 10 -11.40 -13.12 -39.73
C ILE D 10 -12.71 -12.49 -39.26
N ARG D 11 -13.55 -13.29 -38.59
CA ARG D 11 -14.80 -12.78 -38.04
C ARG D 11 -14.55 -11.99 -36.75
N GLY D 12 -14.04 -12.66 -35.71
CA GLY D 12 -13.57 -11.99 -34.50
C GLY D 12 -14.51 -10.94 -33.91
N LEU D 13 -13.94 -9.78 -33.60
CA LEU D 13 -14.63 -8.76 -32.80
C LEU D 13 -15.34 -7.73 -33.67
N ALA D 14 -15.24 -7.86 -34.99
CA ALA D 14 -15.96 -6.97 -35.88
C ALA D 14 -17.30 -7.54 -36.30
N HIS D 15 -17.60 -8.77 -35.91
CA HIS D 15 -18.83 -9.42 -36.33
C HIS D 15 -20.05 -8.60 -35.93
N ALA D 16 -20.17 -8.29 -34.63
CA ALA D 16 -21.28 -7.48 -34.15
C ALA D 16 -21.26 -6.08 -34.77
N ILE D 17 -20.07 -5.46 -34.82
CA ILE D 17 -19.94 -4.16 -35.49
C ILE D 17 -20.47 -4.23 -36.91
N ARG D 18 -20.02 -5.24 -37.68
CA ARG D 18 -20.48 -5.38 -39.06
C ARG D 18 -22.00 -5.54 -39.11
N LEU D 19 -22.56 -6.42 -38.29
CA LEU D 19 -24.01 -6.58 -38.24
C LEU D 19 -24.71 -5.24 -37.96
N LEU D 20 -24.21 -4.48 -37.00
CA LEU D 20 -24.87 -3.22 -36.64
C LEU D 20 -24.70 -2.16 -37.72
N LEU D 21 -23.52 -2.07 -38.33
CA LEU D 21 -23.36 -1.18 -39.48
C LEU D 21 -24.34 -1.55 -40.60
N GLU D 22 -24.51 -2.85 -40.83
CA GLU D 22 -25.45 -3.28 -41.87
C GLU D 22 -26.89 -2.96 -41.47
N TYR D 23 -27.25 -3.26 -40.21
CA TYR D 23 -28.61 -3.03 -39.77
C TYR D 23 -28.99 -1.55 -39.82
N THR D 24 -28.06 -0.68 -39.49
CA THR D 24 -28.35 0.74 -39.47
C THR D 24 -28.20 1.39 -40.83
N GLY D 25 -27.88 0.61 -41.85
CA GLY D 25 -27.76 1.14 -43.20
C GLY D 25 -26.57 2.05 -43.34
N SER D 26 -25.51 1.80 -42.59
CA SER D 26 -24.37 2.71 -42.55
C SER D 26 -23.53 2.55 -43.80
N ASP D 27 -23.14 3.68 -44.39
CA ASP D 27 -22.27 3.66 -45.57
C ASP D 27 -20.83 3.52 -45.09
N TYR D 28 -20.25 2.34 -45.31
CA TYR D 28 -18.93 2.03 -44.79
C TYR D 28 -18.21 1.10 -45.75
N GLU D 29 -16.89 1.15 -45.71
CA GLU D 29 -16.04 0.18 -46.37
C GLU D 29 -15.17 -0.47 -45.31
N GLU D 30 -14.49 -1.54 -45.69
CA GLU D 30 -13.66 -2.30 -44.78
C GLU D 30 -12.19 -2.21 -45.18
N LYS D 31 -11.31 -2.02 -44.20
CA LYS D 31 -9.87 -2.11 -44.44
C LYS D 31 -9.40 -3.42 -43.83
N ILE D 32 -9.18 -4.43 -44.68
CA ILE D 32 -8.93 -5.79 -44.22
C ILE D 32 -7.43 -6.03 -44.11
N TYR D 33 -7.00 -6.53 -42.95
CA TYR D 33 -5.61 -6.85 -42.67
C TYR D 33 -5.44 -8.35 -42.60
N SER D 34 -4.47 -8.88 -43.34
CA SER D 34 -4.22 -10.31 -43.33
C SER D 34 -3.00 -10.63 -42.49
N MET D 35 -2.94 -11.86 -42.02
CA MET D 35 -1.85 -12.30 -41.14
C MET D 35 -1.08 -13.43 -41.79
N GLY D 36 0.25 -13.36 -41.70
CA GLY D 36 1.09 -14.39 -42.26
C GLY D 36 0.95 -15.72 -41.55
N ASP D 37 1.53 -16.75 -42.16
CA ASP D 37 1.32 -18.10 -41.67
C ASP D 37 2.32 -18.43 -40.56
N ALA D 38 2.24 -19.68 -40.09
CA ALA D 38 3.20 -20.18 -39.11
C ALA D 38 4.59 -20.23 -39.75
N PRO D 39 5.66 -20.26 -38.92
CA PRO D 39 5.75 -20.40 -37.46
C PRO D 39 5.23 -19.20 -36.65
N ASP D 40 5.76 -17.98 -36.82
CA ASP D 40 5.20 -16.83 -36.11
C ASP D 40 4.39 -15.98 -37.10
N TYR D 41 3.07 -16.09 -36.98
CA TYR D 41 2.07 -15.42 -37.80
C TYR D 41 2.35 -13.93 -37.97
N ASP D 42 2.79 -13.54 -39.17
CA ASP D 42 3.29 -12.20 -39.40
C ASP D 42 2.17 -11.18 -39.49
N ARG D 43 2.34 -10.04 -38.80
CA ARG D 43 1.34 -8.97 -38.77
C ARG D 43 1.86 -7.69 -39.41
N SER D 44 2.82 -7.81 -40.33
CA SER D 44 3.52 -6.62 -40.83
C SER D 44 2.61 -5.68 -41.59
N GLN D 45 1.58 -6.20 -42.27
CA GLN D 45 0.64 -5.33 -42.95
C GLN D 45 -0.03 -4.38 -41.98
N TRP D 46 -0.31 -4.85 -40.76
CA TRP D 46 -0.99 -4.02 -39.77
C TRP D 46 -0.01 -3.11 -39.04
N LEU D 47 1.11 -3.68 -38.55
CA LEU D 47 2.08 -2.88 -37.80
C LEU D 47 2.69 -1.78 -38.63
N SER D 48 2.50 -1.81 -39.95
CA SER D 48 3.04 -0.80 -40.83
C SER D 48 2.26 0.51 -40.75
N GLU D 49 0.93 0.44 -40.59
CA GLU D 49 0.09 1.61 -40.47
C GLU D 49 -0.42 1.86 -39.06
N LYS D 50 -0.17 0.93 -38.12
CA LYS D 50 -0.73 1.01 -36.77
C LYS D 50 -0.58 2.40 -36.16
N PHE D 51 0.63 2.96 -36.22
CA PHE D 51 0.91 4.24 -35.58
C PHE D 51 0.85 5.41 -36.55
N LYS D 52 0.47 5.16 -37.82
CA LYS D 52 0.28 6.21 -38.81
C LYS D 52 -1.19 6.43 -39.16
N LEU D 53 -2.09 6.12 -38.24
CA LEU D 53 -3.53 6.14 -38.50
C LEU D 53 -4.30 7.07 -37.56
N GLY D 54 -3.62 7.83 -36.71
CA GLY D 54 -4.30 8.80 -35.88
C GLY D 54 -5.12 8.25 -34.72
N LEU D 55 -4.94 6.98 -34.37
CA LEU D 55 -5.71 6.39 -33.28
C LEU D 55 -5.07 6.70 -31.93
N ASP D 56 -5.92 6.97 -30.93
CA ASP D 56 -5.39 7.30 -29.60
C ASP D 56 -4.73 6.09 -28.96
N PHE D 57 -5.33 4.92 -29.14
CA PHE D 57 -4.81 3.67 -28.57
C PHE D 57 -4.86 2.64 -29.68
N PRO D 58 -3.88 2.65 -30.60
CA PRO D 58 -3.99 1.89 -31.85
C PRO D 58 -4.32 0.43 -31.64
N ASN D 59 -5.36 -0.03 -32.33
CA ASN D 59 -5.87 -1.37 -32.12
C ASN D 59 -6.74 -1.75 -33.31
N LEU D 60 -7.19 -3.01 -33.32
CA LEU D 60 -8.15 -3.49 -34.30
C LEU D 60 -9.22 -4.25 -33.54
N PRO D 61 -10.52 -4.02 -33.83
CA PRO D 61 -11.08 -3.15 -34.87
C PRO D 61 -10.97 -1.65 -34.59
N TYR D 62 -10.73 -0.86 -35.64
CA TYR D 62 -10.86 0.58 -35.53
C TYR D 62 -11.95 1.07 -36.47
N LEU D 63 -12.41 2.30 -36.24
CA LEU D 63 -13.45 2.90 -37.06
C LEU D 63 -13.11 4.35 -37.33
N ILE D 64 -13.14 4.76 -38.60
CA ILE D 64 -12.96 6.17 -38.95
C ILE D 64 -14.28 6.71 -39.49
N ASP D 65 -14.72 7.83 -38.93
CA ASP D 65 -15.98 8.43 -39.30
C ASP D 65 -15.81 9.95 -39.20
N GLY D 66 -15.24 10.54 -40.24
CA GLY D 66 -15.02 11.96 -40.24
C GLY D 66 -13.89 12.32 -39.30
N ALA D 67 -14.19 13.16 -38.33
CA ALA D 67 -13.20 13.48 -37.32
C ALA D 67 -13.09 12.42 -36.24
N HIS D 68 -13.99 11.44 -36.22
CA HIS D 68 -14.06 10.47 -35.14
C HIS D 68 -13.26 9.24 -35.56
N ARG D 69 -12.21 8.96 -34.80
CA ARG D 69 -11.30 7.85 -35.03
C ARG D 69 -11.27 7.06 -33.73
N LEU D 70 -11.80 5.85 -33.76
CA LEU D 70 -12.17 5.07 -32.59
C LEU D 70 -11.48 3.71 -32.57
N THR D 71 -11.04 3.27 -31.40
CA THR D 71 -10.69 1.87 -31.14
C THR D 71 -11.62 1.30 -30.07
N GLN D 72 -11.42 0.02 -29.77
CA GLN D 72 -12.22 -0.74 -28.79
C GLN D 72 -13.60 -1.07 -29.33
N SER D 73 -13.83 -2.37 -29.58
CA SER D 73 -15.05 -2.83 -30.24
C SER D 73 -16.29 -2.33 -29.51
N ASN D 74 -16.26 -2.33 -28.17
CA ASN D 74 -17.39 -1.82 -27.40
C ASN D 74 -17.56 -0.32 -27.63
N ALA D 75 -16.49 0.46 -27.51
CA ALA D 75 -16.57 1.89 -27.80
C ALA D 75 -17.09 2.15 -29.21
N ILE D 76 -16.70 1.30 -30.17
CA ILE D 76 -17.13 1.46 -31.56
C ILE D 76 -18.63 1.17 -31.69
N LEU D 77 -19.12 0.11 -31.03
CA LEU D 77 -20.55 -0.20 -31.06
C LEU D 77 -21.39 0.89 -30.40
N ARG D 78 -20.92 1.47 -29.30
CA ARG D 78 -21.72 2.51 -28.64
C ARG D 78 -21.83 3.76 -29.49
N TYR D 79 -20.76 4.09 -30.22
CA TYR D 79 -20.79 5.28 -31.06
C TYR D 79 -21.81 5.15 -32.17
N ILE D 80 -21.89 3.97 -32.79
CA ILE D 80 -22.90 3.73 -33.83
C ILE D 80 -24.29 3.69 -33.21
N ALA D 81 -24.42 3.08 -32.02
CA ALA D 81 -25.72 2.99 -31.36
C ALA D 81 -26.29 4.38 -31.07
N ARG D 82 -25.42 5.32 -30.67
CA ARG D 82 -25.85 6.68 -30.40
C ARG D 82 -26.28 7.39 -31.66
N LYS D 83 -25.73 7.01 -32.81
CA LYS D 83 -26.14 7.61 -34.07
C LYS D 83 -27.60 7.30 -34.37
N HIS D 84 -28.04 6.07 -34.03
CA HIS D 84 -29.31 5.57 -34.51
C HIS D 84 -30.29 5.28 -33.39
N ASN D 85 -30.05 5.86 -32.20
CA ASN D 85 -30.91 5.68 -31.03
C ASN D 85 -31.08 4.19 -30.75
N LEU D 86 -29.95 3.49 -30.58
CA LEU D 86 -29.98 2.06 -30.43
C LEU D 86 -29.30 1.62 -29.14
N CSO D 87 -29.57 2.37 -28.08
CA CSO D 87 -29.21 1.94 -26.73
CB CSO D 87 -27.79 2.37 -26.37
SG CSO D 87 -27.30 3.95 -27.07
C CSO D 87 -30.22 2.46 -25.72
O CSO D 87 -30.96 3.39 -26.01
OD CSO D 87 -25.65 4.28 -26.49
N GLY D 88 -30.24 1.82 -24.56
CA GLY D 88 -31.28 2.02 -23.54
C GLY D 88 -31.73 3.43 -23.24
N GLU D 89 -33.01 3.57 -22.89
CA GLU D 89 -33.57 4.87 -22.53
C GLU D 89 -33.94 4.97 -21.06
N THR D 90 -34.66 3.99 -20.52
CA THR D 90 -34.97 3.98 -19.10
C THR D 90 -33.77 3.52 -18.29
N GLU D 91 -33.83 3.73 -16.98
CA GLU D 91 -32.71 3.36 -16.11
C GLU D 91 -32.56 1.85 -16.05
N GLU D 92 -33.67 1.13 -15.93
CA GLU D 92 -33.61 -0.33 -15.93
C GLU D 92 -32.91 -0.85 -17.19
N GLU D 93 -33.13 -0.16 -18.32
CA GLU D 93 -32.57 -0.61 -19.59
C GLU D 93 -31.06 -0.35 -19.67
N LYS D 94 -30.64 0.86 -19.28
CA LYS D 94 -29.21 1.19 -19.27
C LYS D 94 -28.43 0.23 -18.37
N ILE D 95 -29.00 -0.15 -17.22
CA ILE D 95 -28.34 -1.13 -16.36
C ILE D 95 -28.21 -2.46 -17.09
N ARG D 96 -29.34 -2.95 -17.63
CA ARG D 96 -29.31 -4.22 -18.38
C ARG D 96 -28.30 -4.18 -19.52
N VAL D 97 -28.18 -3.03 -20.20
CA VAL D 97 -27.22 -2.91 -21.29
C VAL D 97 -25.80 -3.03 -20.78
N ASP D 98 -25.41 -2.18 -19.83
CA ASP D 98 -24.05 -2.16 -19.32
C ASP D 98 -23.63 -3.52 -18.75
N VAL D 99 -24.52 -4.17 -18.00
CA VAL D 99 -24.25 -5.49 -17.47
C VAL D 99 -23.99 -6.50 -18.60
N LEU D 100 -24.96 -6.62 -19.52
CA LEU D 100 -24.82 -7.61 -20.59
C LEU D 100 -23.59 -7.32 -21.44
N GLU D 101 -23.32 -6.04 -21.72
CA GLU D 101 -22.18 -5.70 -22.56
C GLU D 101 -20.88 -6.19 -21.93
N ASN D 102 -20.72 -5.96 -20.62
CA ASN D 102 -19.52 -6.44 -19.96
C ASN D 102 -19.56 -7.95 -19.79
N GLN D 103 -20.73 -8.50 -19.49
CA GLN D 103 -20.88 -9.94 -19.35
C GLN D 103 -20.50 -10.69 -20.62
N ALA D 104 -20.98 -10.21 -21.77
CA ALA D 104 -20.72 -10.89 -23.03
C ALA D 104 -19.23 -10.90 -23.38
N MET D 105 -18.48 -9.83 -23.04
CA MET D 105 -17.05 -9.87 -23.31
C MET D 105 -16.36 -10.88 -22.41
N ASP D 106 -16.78 -10.99 -21.15
CA ASP D 106 -16.23 -12.03 -20.27
C ASP D 106 -16.53 -13.42 -20.82
N THR D 107 -17.76 -13.64 -21.30
CA THR D 107 -18.14 -14.93 -21.86
C THR D 107 -17.41 -15.22 -23.16
N ARG D 108 -17.29 -14.21 -24.02
CA ARG D 108 -16.46 -14.34 -25.22
C ARG D 108 -15.05 -14.76 -24.85
N LEU D 109 -14.47 -14.10 -23.83
CA LEU D 109 -13.08 -14.36 -23.47
C LEU D 109 -12.92 -15.66 -22.68
N ASP D 110 -13.92 -16.07 -21.90
CA ASP D 110 -13.94 -17.42 -21.36
C ASP D 110 -13.82 -18.45 -22.48
N PHE D 111 -14.35 -18.14 -23.66
CA PHE D 111 -14.32 -19.08 -24.78
C PHE D 111 -13.02 -19.00 -25.56
N ALA D 112 -12.61 -17.78 -25.92
CA ALA D 112 -11.40 -17.61 -26.71
C ALA D 112 -10.16 -18.11 -25.97
N ARG D 113 -10.14 -18.03 -24.64
CA ARG D 113 -8.93 -18.42 -23.93
C ARG D 113 -8.74 -19.93 -23.86
N VAL D 114 -9.77 -20.71 -24.20
CA VAL D 114 -9.62 -22.15 -24.33
C VAL D 114 -9.10 -22.52 -25.73
N CYS D 115 -9.55 -21.81 -26.77
CA CYS D 115 -9.17 -22.11 -28.15
C CYS D 115 -7.80 -21.55 -28.50
N TYR D 116 -7.40 -20.45 -27.88
CA TYR D 116 -6.06 -19.93 -28.07
C TYR D 116 -5.03 -20.64 -27.20
N ASN D 117 -5.48 -21.59 -26.36
CA ASN D 117 -4.64 -22.30 -25.38
C ASN D 117 -4.05 -23.55 -26.02
N PRO D 118 -2.73 -23.76 -25.91
CA PRO D 118 -2.14 -24.97 -26.50
C PRO D 118 -2.77 -26.26 -26.00
N ASP D 119 -3.14 -26.32 -24.72
CA ASP D 119 -3.75 -27.51 -24.15
C ASP D 119 -5.27 -27.51 -24.37
N PHE D 120 -5.70 -27.21 -25.60
CA PHE D 120 -7.12 -27.01 -25.87
C PHE D 120 -7.90 -28.32 -25.83
N GLU D 121 -7.31 -29.40 -26.33
CA GLU D 121 -8.08 -30.62 -26.55
C GLU D 121 -8.38 -31.34 -25.23
N LYS D 122 -7.42 -31.33 -24.31
CA LYS D 122 -7.67 -31.91 -22.99
C LYS D 122 -8.49 -30.99 -22.10
N LEU D 123 -8.63 -29.72 -22.46
CA LEU D 123 -9.51 -28.80 -21.79
C LEU D 123 -10.90 -28.75 -22.42
N LYS D 124 -11.02 -29.22 -23.66
CA LYS D 124 -12.31 -29.23 -24.36
C LYS D 124 -13.39 -30.00 -23.62
N PRO D 125 -13.17 -31.23 -23.13
CA PRO D 125 -14.24 -31.90 -22.37
C PRO D 125 -14.59 -31.17 -21.09
N GLY D 126 -13.62 -30.53 -20.44
CA GLY D 126 -13.94 -29.74 -19.26
C GLY D 126 -14.82 -28.55 -19.60
N PHE D 127 -14.40 -27.76 -20.59
CA PHE D 127 -15.14 -26.57 -20.98
C PHE D 127 -16.57 -26.91 -21.39
N LEU D 128 -16.76 -28.08 -22.00
CA LEU D 128 -18.08 -28.44 -22.51
C LEU D 128 -19.08 -28.71 -21.39
N LYS D 129 -18.62 -29.20 -20.23
CA LYS D 129 -19.54 -29.33 -19.10
C LYS D 129 -20.05 -27.97 -18.64
N GLU D 130 -19.25 -26.92 -18.80
CA GLU D 130 -19.60 -25.62 -18.23
C GLU D 130 -20.61 -24.85 -19.07
N ILE D 131 -20.74 -25.19 -20.34
CA ILE D 131 -21.63 -24.41 -21.23
C ILE D 131 -23.08 -24.35 -20.72
N PRO D 132 -23.73 -25.45 -20.35
CA PRO D 132 -25.18 -25.38 -20.05
C PRO D 132 -25.55 -24.37 -18.99
N GLU D 133 -24.70 -24.19 -17.98
CA GLU D 133 -24.98 -23.20 -16.94
C GLU D 133 -24.72 -21.78 -17.42
N LYS D 134 -23.81 -21.59 -18.38
CA LYS D 134 -23.65 -20.27 -19.01
C LYS D 134 -24.91 -19.88 -19.77
N MET D 135 -25.35 -20.75 -20.69
CA MET D 135 -26.56 -20.47 -21.44
C MET D 135 -27.75 -20.24 -20.52
N LYS D 136 -27.87 -21.06 -19.46
CA LYS D 136 -28.99 -20.89 -18.54
C LYS D 136 -29.01 -19.50 -17.93
N LEU D 137 -27.83 -18.88 -17.76
CA LEU D 137 -27.78 -17.53 -17.21
C LEU D 137 -28.34 -16.52 -18.22
N PHE D 138 -27.91 -16.60 -19.49
CA PHE D 138 -28.44 -15.71 -20.51
C PHE D 138 -29.94 -15.92 -20.68
N SER D 139 -30.38 -17.18 -20.60
CA SER D 139 -31.79 -17.50 -20.80
C SER D 139 -32.65 -16.92 -19.69
N GLU D 140 -32.23 -17.09 -18.44
CA GLU D 140 -32.99 -16.53 -17.32
C GLU D 140 -32.86 -15.02 -17.28
N PHE D 141 -31.84 -14.45 -17.92
CA PHE D 141 -31.70 -13.02 -18.00
C PHE D 141 -32.58 -12.44 -19.10
N LEU D 142 -32.83 -13.20 -20.16
CA LEU D 142 -33.71 -12.71 -21.21
C LEU D 142 -35.16 -12.71 -20.73
N GLY D 143 -35.53 -13.72 -19.95
CA GLY D 143 -36.91 -13.82 -19.52
C GLY D 143 -37.80 -14.01 -20.73
N LYS D 144 -39.05 -13.60 -20.62
CA LYS D 144 -39.93 -13.57 -21.78
C LYS D 144 -39.86 -12.24 -22.53
N ARG D 145 -38.75 -11.50 -22.40
CA ARG D 145 -38.57 -10.30 -23.18
C ARG D 145 -38.25 -10.65 -24.63
N THR D 146 -38.62 -9.77 -25.55
CA THR D 146 -38.33 -10.01 -26.95
C THR D 146 -36.89 -9.66 -27.28
N TRP D 147 -36.34 -8.62 -26.67
CA TRP D 147 -34.93 -8.28 -26.78
C TRP D 147 -34.30 -8.25 -25.40
N PHE D 148 -32.96 -8.23 -25.37
CA PHE D 148 -32.26 -8.44 -24.11
C PHE D 148 -32.43 -7.28 -23.15
N ALA D 149 -32.60 -6.07 -23.65
CA ALA D 149 -32.86 -4.91 -22.81
C ALA D 149 -34.35 -4.59 -22.71
N GLY D 150 -35.23 -5.41 -23.28
CA GLY D 150 -36.66 -5.16 -23.17
C GLY D 150 -37.41 -5.21 -24.48
N ASP D 151 -38.28 -4.23 -24.70
CA ASP D 151 -39.16 -4.22 -25.85
C ASP D 151 -38.46 -3.81 -27.14
N LYS D 152 -37.31 -3.16 -27.05
CA LYS D 152 -36.70 -2.43 -28.15
C LYS D 152 -35.32 -3.00 -28.48
N LEU D 153 -35.07 -3.22 -29.76
CA LEU D 153 -33.77 -3.70 -30.21
C LEU D 153 -32.66 -2.76 -29.74
N ASN D 154 -31.53 -3.35 -29.37
CA ASN D 154 -30.41 -2.65 -28.78
C ASN D 154 -29.12 -3.18 -29.40
N TYR D 155 -28.06 -2.37 -29.34
CA TYR D 155 -26.77 -2.86 -29.78
C TYR D 155 -26.25 -4.03 -28.93
N VAL D 156 -26.67 -4.18 -27.66
CA VAL D 156 -26.19 -5.35 -26.90
C VAL D 156 -26.78 -6.64 -27.44
N ASP D 157 -27.93 -6.58 -28.11
CA ASP D 157 -28.45 -7.76 -28.79
C ASP D 157 -27.50 -8.24 -29.88
N PHE D 158 -26.88 -7.31 -30.62
CA PHE D 158 -25.82 -7.68 -31.55
C PHE D 158 -24.67 -8.39 -30.85
N LEU D 159 -24.31 -7.94 -29.64
CA LEU D 159 -23.31 -8.64 -28.84
C LEU D 159 -23.84 -9.97 -28.32
N ALA D 160 -25.08 -9.99 -27.85
CA ALA D 160 -25.68 -11.23 -27.38
C ALA D 160 -25.76 -12.25 -28.50
N TYR D 161 -26.13 -11.82 -29.72
CA TYR D 161 -26.19 -12.72 -30.85
C TYR D 161 -24.82 -13.29 -31.16
N ASP D 162 -23.80 -12.43 -31.22
CA ASP D 162 -22.47 -12.87 -31.63
C ASP D 162 -21.95 -13.92 -30.67
N VAL D 163 -22.03 -13.63 -29.37
CA VAL D 163 -21.44 -14.51 -28.36
C VAL D 163 -22.21 -15.81 -28.31
N LEU D 164 -23.54 -15.72 -28.32
CA LEU D 164 -24.36 -16.93 -28.34
C LEU D 164 -24.16 -17.72 -29.62
N ASP D 165 -23.89 -17.03 -30.75
CA ASP D 165 -23.72 -17.76 -32.01
C ASP D 165 -22.44 -18.58 -31.99
N VAL D 166 -21.34 -17.98 -31.52
CA VAL D 166 -20.06 -18.69 -31.43
C VAL D 166 -20.18 -19.92 -30.54
N TYR D 167 -21.00 -19.84 -29.49
CA TYR D 167 -21.21 -21.00 -28.63
C TYR D 167 -21.99 -22.09 -29.34
N ARG D 168 -23.02 -21.73 -30.11
CA ARG D 168 -23.75 -22.75 -30.85
C ARG D 168 -22.99 -23.23 -32.07
N ILE D 169 -21.90 -22.58 -32.47
CA ILE D 169 -21.04 -23.21 -33.47
C ILE D 169 -20.12 -24.23 -32.82
N PHE D 170 -19.74 -23.99 -31.56
CA PHE D 170 -18.86 -24.90 -30.85
C PHE D 170 -19.61 -26.14 -30.37
N GLU D 171 -20.74 -25.95 -29.71
CA GLU D 171 -21.69 -27.03 -29.43
C GLU D 171 -23.02 -26.69 -30.06
N PRO D 172 -23.43 -27.36 -31.14
CA PRO D 172 -24.62 -26.92 -31.88
C PRO D 172 -25.92 -27.03 -31.08
N LYS D 173 -25.99 -27.95 -30.12
CA LYS D 173 -27.21 -28.18 -29.36
C LYS D 173 -27.27 -27.37 -28.07
N CYS D 174 -26.49 -26.30 -27.96
CA CYS D 174 -26.28 -25.65 -26.67
C CYS D 174 -27.42 -24.72 -26.26
N LEU D 175 -28.26 -24.28 -27.20
CA LEU D 175 -29.41 -23.44 -26.86
C LEU D 175 -30.73 -24.19 -26.82
N ASP D 176 -30.70 -25.51 -27.06
CA ASP D 176 -31.94 -26.21 -27.41
C ASP D 176 -32.87 -26.36 -26.22
N GLU D 177 -32.33 -26.61 -25.03
CA GLU D 177 -33.22 -26.67 -23.87
C GLU D 177 -33.50 -25.29 -23.29
N PHE D 178 -33.19 -24.23 -24.04
CA PHE D 178 -33.62 -22.87 -23.69
C PHE D 178 -34.33 -22.27 -24.90
N PRO D 179 -35.62 -22.55 -25.06
CA PRO D 179 -36.38 -21.93 -26.16
C PRO D 179 -36.37 -20.41 -26.11
N ASN D 180 -36.12 -19.84 -24.94
CA ASN D 180 -35.83 -18.42 -24.79
C ASN D 180 -34.87 -17.92 -25.86
N LEU D 181 -33.64 -18.42 -25.80
CA LEU D 181 -32.59 -18.00 -26.72
C LEU D 181 -32.82 -18.52 -28.12
N LYS D 182 -33.45 -19.69 -28.26
CA LYS D 182 -33.78 -20.22 -29.58
C LYS D 182 -34.56 -19.18 -30.38
N ASP D 183 -35.63 -18.64 -29.79
CA ASP D 183 -36.44 -17.64 -30.49
C ASP D 183 -35.63 -16.39 -30.82
N PHE D 184 -34.84 -15.90 -29.85
CA PHE D 184 -34.12 -14.65 -30.02
C PHE D 184 -33.19 -14.68 -31.23
N MET D 185 -32.44 -15.78 -31.39
CA MET D 185 -31.52 -15.88 -32.51
C MET D 185 -32.26 -15.85 -33.84
N SER D 186 -33.33 -16.64 -33.97
CA SER D 186 -34.15 -16.59 -35.17
C SER D 186 -34.71 -15.19 -35.39
N ARG D 187 -35.22 -14.57 -34.32
CA ARG D 187 -35.77 -13.22 -34.42
C ARG D 187 -34.70 -12.23 -34.88
N PHE D 188 -33.46 -12.43 -34.43
CA PHE D 188 -32.38 -11.54 -34.83
C PHE D 188 -31.96 -11.80 -36.28
N GLU D 189 -31.86 -13.07 -36.67
CA GLU D 189 -31.54 -13.40 -38.05
C GLU D 189 -32.66 -13.02 -39.01
N GLY D 190 -33.88 -12.91 -38.51
CA GLY D 190 -35.04 -12.57 -39.29
C GLY D 190 -35.25 -11.10 -39.58
N LEU D 191 -34.44 -10.21 -39.00
CA LEU D 191 -34.55 -8.79 -39.33
C LEU D 191 -34.05 -8.56 -40.74
N LYS D 192 -34.87 -7.89 -41.58
CA LYS D 192 -34.57 -7.81 -43.00
C LYS D 192 -33.14 -7.51 -43.37
N LYS D 193 -32.62 -6.37 -42.92
CA LYS D 193 -31.27 -6.00 -43.31
C LYS D 193 -30.26 -7.00 -42.79
N ILE D 194 -30.54 -7.66 -41.65
CA ILE D 194 -29.62 -8.69 -41.17
C ILE D 194 -29.64 -9.88 -42.11
N SER D 195 -30.84 -10.45 -42.32
CA SER D 195 -31.01 -11.60 -43.19
C SER D 195 -30.44 -11.34 -44.59
N ALA D 196 -30.81 -10.21 -45.20
CA ALA D 196 -30.26 -9.89 -46.51
C ALA D 196 -28.74 -9.86 -46.49
N TYR D 197 -28.15 -9.38 -45.39
CA TYR D 197 -26.70 -9.33 -45.27
C TYR D 197 -26.12 -10.72 -45.06
N MET D 198 -26.73 -11.51 -44.18
CA MET D 198 -26.20 -12.85 -43.90
C MET D 198 -26.32 -13.77 -45.11
N LYS D 199 -27.31 -13.54 -45.97
CA LYS D 199 -27.44 -14.34 -47.18
C LYS D 199 -26.54 -13.87 -48.30
N SER D 200 -25.99 -12.67 -48.22
CA SER D 200 -25.22 -12.11 -49.33
C SER D 200 -23.81 -12.69 -49.38
N SER D 201 -23.11 -12.36 -50.47
CA SER D 201 -21.72 -12.73 -50.67
C SER D 201 -20.77 -12.02 -49.71
N ARG D 202 -21.20 -10.91 -49.09
CA ARG D 202 -20.34 -10.14 -48.18
C ARG D 202 -20.16 -10.80 -46.82
N PHE D 203 -21.03 -11.74 -46.44
CA PHE D 203 -21.00 -12.26 -45.08
C PHE D 203 -19.72 -13.07 -44.82
N LEU D 204 -19.20 -12.94 -43.61
CA LEU D 204 -17.95 -13.59 -43.17
C LEU D 204 -18.27 -14.24 -41.83
N ARG D 205 -18.66 -15.51 -41.85
CA ARG D 205 -18.89 -16.24 -40.62
C ARG D 205 -17.68 -17.04 -40.16
N SER D 206 -16.76 -17.37 -41.07
CA SER D 206 -15.52 -18.06 -40.75
C SER D 206 -14.35 -17.33 -41.41
N PRO D 207 -13.17 -17.33 -40.77
CA PRO D 207 -12.84 -18.04 -39.54
C PRO D 207 -13.32 -17.34 -38.26
N LEU D 208 -13.53 -18.10 -37.19
CA LEU D 208 -14.00 -17.53 -35.93
C LEU D 208 -12.90 -16.71 -35.26
N PHE D 209 -11.73 -17.29 -35.09
CA PHE D 209 -10.63 -16.72 -34.32
C PHE D 209 -9.43 -16.47 -35.23
N LEU D 210 -8.40 -15.85 -34.66
CA LEU D 210 -7.17 -15.62 -35.39
C LEU D 210 -6.48 -16.95 -35.68
N LYS D 211 -5.46 -16.90 -36.55
CA LYS D 211 -4.92 -18.14 -37.09
C LYS D 211 -4.20 -18.98 -36.05
N MET D 212 -3.73 -18.39 -34.95
CA MET D 212 -3.02 -19.18 -33.94
C MET D 212 -3.95 -20.01 -33.08
N ALA D 213 -5.25 -19.96 -33.31
CA ALA D 213 -6.19 -20.69 -32.46
C ALA D 213 -6.05 -22.20 -32.64
N MET D 214 -6.28 -22.93 -31.55
CA MET D 214 -6.37 -24.38 -31.59
C MET D 214 -7.70 -24.88 -32.12
N TRP D 215 -8.61 -23.96 -32.46
CA TRP D 215 -9.96 -24.28 -32.92
C TRP D 215 -10.57 -22.99 -33.47
N GLY D 216 -11.32 -23.11 -34.56
CA GLY D 216 -11.92 -21.96 -35.20
C GLY D 216 -10.95 -21.05 -35.92
N ASN D 217 -9.71 -21.50 -36.15
CA ASN D 217 -8.76 -20.67 -36.87
C ASN D 217 -9.05 -20.67 -38.36
N LYS D 218 -9.66 -21.73 -38.86
CA LYS D 218 -10.24 -21.75 -40.20
C LYS D 218 -11.73 -21.98 -40.09
N1 GSH E . 10.72 -0.32 20.99
CA1 GSH E . 10.23 -1.62 20.53
C1 GSH E . 10.92 -2.01 19.19
O11 GSH E . 10.74 -3.15 18.71
O12 GSH E . 11.65 -1.21 18.57
CB1 GSH E . 8.70 -1.56 20.41
CG1 GSH E . 8.08 -2.95 20.54
CD1 GSH E . 6.57 -2.95 20.27
OE1 GSH E . 5.91 -1.98 20.45
N2 GSH E . 5.95 -4.19 19.78
CA2 GSH E . 4.54 -4.29 19.48
C2 GSH E . 3.92 -5.52 20.19
O2 GSH E . 2.82 -5.88 19.92
CB2 GSH E . 4.33 -4.33 17.96
SG2 GSH E . 3.98 -2.70 17.22
N3 GSH E . 4.63 -6.25 21.22
CA3 GSH E . 3.94 -7.38 21.82
C3 GSH E . 4.50 -7.76 23.19
O31 GSH E . 3.91 -8.64 23.87
O32 GSH E . 5.53 -7.20 23.66
NA NA F . 22.65 -2.12 -5.26
N1 GSH G . 13.94 11.22 22.14
CA1 GSH G . 14.51 12.44 22.73
C1 GSH G . 15.74 12.13 23.60
O11 GSH G . 15.94 10.97 24.05
O12 GSH G . 16.57 13.05 23.90
CB1 GSH G . 13.42 13.17 23.52
CG1 GSH G . 13.60 14.69 23.46
CD1 GSH G . 12.63 15.36 24.43
OE1 GSH G . 11.60 14.86 24.68
N2 GSH G . 12.97 16.61 25.07
CA2 GSH G . 12.05 17.22 26.02
C2 GSH G . 11.63 18.61 25.52
O2 GSH G . 10.83 19.21 26.16
CB2 GSH G . 12.72 17.41 27.37
SG2 GSH G . 12.11 16.15 28.53
N3 GSH G . 12.17 19.18 24.31
CA3 GSH G . 11.70 20.50 23.95
C3 GSH G . 11.87 20.74 22.46
O31 GSH G . 11.90 19.77 21.65
O32 GSH G . 11.96 21.91 22.05
N1 GSH H . -15.64 -8.53 -15.51
CA1 GSH H . -15.83 -8.49 -14.07
C1 GSH H . -15.89 -7.05 -13.54
O11 GSH H . -15.25 -6.14 -14.11
O12 GSH H . -16.59 -6.76 -12.52
CB1 GSH H . -14.70 -9.26 -13.39
CG1 GSH H . -15.28 -10.57 -12.86
CD1 GSH H . -14.25 -11.19 -11.94
OE1 GSH H . -13.19 -11.48 -12.37
N2 GSH H . -14.59 -11.40 -10.53
CA2 GSH H . -13.64 -11.96 -9.59
C2 GSH H . -14.26 -13.13 -8.81
O2 GSH H . -13.60 -13.78 -8.07
CB2 GSH H . -13.18 -10.85 -8.65
SG2 GSH H . -11.60 -10.17 -9.25
N3 GSH H . -15.66 -13.48 -8.98
CA3 GSH H . -16.20 -14.60 -8.22
C3 GSH H . -16.94 -15.59 -9.11
O31 GSH H . -17.21 -15.32 -10.32
O32 GSH H . -17.30 -16.70 -8.62
N1 GSH I . -10.70 -5.28 -26.06
CA1 GSH I . -10.30 -4.80 -27.37
C1 GSH I . -11.52 -4.52 -28.28
O11 GSH I . -11.37 -3.89 -29.37
O12 GSH I . -12.70 -4.88 -27.95
CB1 GSH I . -9.40 -5.90 -27.93
CG1 GSH I . -8.48 -5.42 -29.05
CD1 GSH I . -7.68 -6.64 -29.52
OE1 GSH I . -7.19 -7.35 -28.70
N2 GSH I . -7.54 -6.93 -30.93
CA2 GSH I . -6.80 -8.08 -31.43
C2 GSH I . -5.58 -7.60 -32.19
O2 GSH I . -4.96 -8.39 -32.82
CB2 GSH I . -7.66 -8.87 -32.43
SG2 GSH I . -8.96 -9.92 -31.70
N3 GSH I . -5.15 -6.21 -32.18
CA3 GSH I . -3.98 -5.85 -32.97
C3 GSH I . -2.94 -5.01 -32.23
O31 GSH I . -1.86 -4.71 -32.80
O32 GSH I . -3.15 -4.63 -31.06
#